data_1T7P
#
_entry.id   1T7P
#
_cell.length_a   106.600
_cell.length_b   216.300
_cell.length_c   52.100
_cell.angle_alpha   90.00
_cell.angle_beta   90.00
_cell.angle_gamma   90.00
#
_symmetry.space_group_name_H-M   'P 21 21 2'
#
loop_
_entity.id
_entity.type
_entity.pdbx_description
1 polymer "DNA (5'-D(P*GP*CP*CP*AP*GP*TP*GP*CP*CP*AP*2DA)-3')"
2 polymer "DNA (5'-D(P*CP*CP*TP*TP*GP*GP*CP*AP*CP*TP*GP*GP*C)-3')"
3 polymer 'DNA-directed DNA polymerase'
4 polymer 'Thioredoxin 1'
5 non-polymer "2'-3'-DIDEOXYGUANOSINE-5'-TRIPHOSPHATE"
6 non-polymer 'MAGNESIUM ION'
7 water water
#
loop_
_entity_poly.entity_id
_entity_poly.type
_entity_poly.pdbx_seq_one_letter_code
_entity_poly.pdbx_strand_id
1 'polydeoxyribonucleotide' (DG)(DC)(DC)(DA)(DG)(DT)(DG)(DC)(DC)(DA)(2DA) P
2 'polydeoxyribonucleotide' (DC)(DC)(DT)(DT)(DG)(DG)(DC)(DA)(DC)(DT)(DG)(DG)(DC) T
3 'polypeptide(L)'
;MIVSDIEANALLESVTKFHCGVIYDYSTAEYVSYRPSDFGAYLDALEAEVARGGLIVFHNGHKYDVPALTKLAKLQLNRE
FHLPRENCIDTLVLSRLIHSNLKDTDMGLLRSGKLPGALEAWGYRLGEMKGEYKDDFKRMLEEQGEEYVDGMEWWNFNEE
MMDYNVQDVVVTKALLEKLLSDKHYFPPEIDFTDVGYTTFWSESLEAVDIEHRAAWLLAKQERNGFPFDTKAIEELYVEL
AARRSELLRKLTETFGSWYQPKGGTEMFCHPRTGKPLPKYPRIKTPKVGGIFKKPKNKAQREGREPCELDTREYVAGAPY
TPVEHVVFNPSSRDHIQKKLQEAGWVPTKYTDKGAPVVDDEVLEGVRVDDPEKQAAIDLIKEYLMIQKRIGQSAEGDKAW
LRYVAEDGKIHGSVNPNGAVTGRATHAFPNLAQIPGVRSPYGEQCRAAFGAEHHLDGITGKPWVQAGIDASGLELRCLAH
FMARFDNGEYAHEILNGDIHTKNQIAAELPTRDNAKTFIYGFLYGAGDEKIGQIVGAGKERGKELKKKFLENTPAIAALR
ESIQQTLVESSQWVAGEQQVKWKRRWIKGLDGRKVHVRSPHAALNTLLQSAGALICKLWIIKTEEMLVEKGLKHGWDGDF
AYMAWVHDEIQVGCRTEEIAQVVIETAQEAMRWVGDHWNFRCLLDTEGKMGPNWAICH
;
A
4 'polypeptide(L)'
;SDKIIHLTDDSFDTDVLKADGAILVDFWAEWCGPCKMIAPILDEIADEYQGKLTVAKLNIDQNPGTAPKYGIRGIPTLLL
FKNGEVAATKVGALSKGQLKEFLDANLA
;
B
#
# COMPACT_ATOMS: atom_id res chain seq x y z
N MET C 1 11.78 -37.89 -4.59
CA MET C 1 11.26 -36.65 -4.05
C MET C 1 11.44 -36.56 -2.54
N ILE C 2 11.86 -35.37 -2.09
CA ILE C 2 12.05 -35.12 -0.66
C ILE C 2 11.39 -33.79 -0.32
N VAL C 3 10.94 -33.63 0.92
CA VAL C 3 10.31 -32.40 1.37
C VAL C 3 11.25 -31.91 2.48
N SER C 4 11.63 -30.64 2.44
CA SER C 4 12.58 -30.13 3.43
C SER C 4 12.31 -28.70 3.90
N ASP C 5 13.02 -28.31 4.95
CA ASP C 5 12.91 -26.98 5.54
C ASP C 5 14.10 -26.70 6.44
N ILE C 6 14.51 -25.44 6.52
CA ILE C 6 15.64 -25.09 7.38
C ILE C 6 15.26 -24.01 8.38
N GLU C 7 16.07 -23.89 9.43
CA GLU C 7 15.90 -22.88 10.44
C GLU C 7 17.28 -22.22 10.50
N ALA C 8 17.32 -20.90 10.40
CA ALA C 8 18.57 -20.16 10.44
C ALA C 8 18.42 -18.94 11.35
N ASN C 9 19.54 -18.26 11.64
CA ASN C 9 19.53 -17.10 12.53
C ASN C 9 18.96 -15.74 12.08
N ALA C 10 18.59 -15.61 10.81
CA ALA C 10 18.04 -14.34 10.34
C ALA C 10 17.47 -14.43 8.94
N LEU C 11 16.92 -13.33 8.46
CA LEU C 11 16.37 -13.26 7.11
C LEU C 11 17.56 -13.37 6.15
N LEU C 12 17.28 -13.65 4.87
CA LEU C 12 18.34 -13.81 3.87
C LEU C 12 19.40 -12.70 3.82
N GLU C 13 18.95 -11.45 3.93
CA GLU C 13 19.83 -10.29 3.87
C GLU C 13 21.00 -10.33 4.84
N SER C 14 20.78 -10.88 6.03
CA SER C 14 21.82 -10.95 7.03
C SER C 14 22.02 -12.30 7.72
N VAL C 15 21.53 -13.37 7.10
CA VAL C 15 21.68 -14.71 7.69
C VAL C 15 23.17 -15.13 7.70
N THR C 16 23.66 -15.65 8.83
CA THR C 16 25.05 -16.10 8.96
C THR C 16 25.21 -17.46 9.64
N LYS C 17 24.09 -18.06 10.04
CA LYS C 17 24.11 -19.36 10.71
C LYS C 17 22.93 -20.27 10.45
N PHE C 18 23.25 -21.51 10.06
CA PHE C 18 22.28 -22.56 9.81
C PHE C 18 22.10 -23.20 11.18
N HIS C 19 20.87 -23.26 11.65
CA HIS C 19 20.59 -23.85 12.95
C HIS C 19 20.19 -25.31 12.83
N CYS C 20 19.25 -25.61 11.94
CA CYS C 20 18.81 -26.97 11.75
C CYS C 20 18.00 -27.15 10.47
N GLY C 21 17.78 -28.39 10.08
CA GLY C 21 17.02 -28.69 8.87
C GLY C 21 16.39 -30.05 9.01
N VAL C 22 15.35 -30.30 8.23
CA VAL C 22 14.66 -31.59 8.28
C VAL C 22 14.38 -32.01 6.86
N ILE C 23 14.48 -33.32 6.62
CA ILE C 23 14.22 -33.88 5.30
C ILE C 23 13.32 -35.09 5.42
N TYR C 24 12.28 -35.11 4.60
CA TYR C 24 11.35 -36.23 4.54
C TYR C 24 11.61 -36.84 3.16
N ASP C 25 11.95 -38.12 3.12
CA ASP C 25 12.24 -38.78 1.86
C ASP C 25 11.11 -39.75 1.52
N TYR C 26 10.48 -39.55 0.37
CA TYR C 26 9.38 -40.41 -0.07
C TYR C 26 9.81 -41.85 -0.35
N SER C 27 11.08 -42.06 -0.70
CA SER C 27 11.59 -43.39 -0.99
C SER C 27 11.81 -44.28 0.26
N THR C 28 12.02 -43.64 1.42
CA THR C 28 12.22 -44.38 2.67
C THR C 28 11.04 -44.15 3.64
N ALA C 29 10.26 -43.12 3.37
CA ALA C 29 9.10 -42.72 4.17
C ALA C 29 9.49 -42.35 5.61
N GLU C 30 10.66 -41.75 5.77
CA GLU C 30 11.16 -41.33 7.09
C GLU C 30 11.66 -39.89 7.15
N TYR C 31 11.65 -39.35 8.37
CA TYR C 31 12.11 -37.99 8.63
C TYR C 31 13.50 -38.08 9.23
N VAL C 32 14.38 -37.18 8.81
CA VAL C 32 15.75 -37.12 9.30
C VAL C 32 16.03 -35.68 9.71
N SER C 33 16.50 -35.51 10.94
CA SER C 33 16.82 -34.19 11.46
C SER C 33 18.31 -33.92 11.37
N TYR C 34 18.64 -32.65 11.17
CA TYR C 34 20.02 -32.21 11.06
C TYR C 34 20.19 -31.00 11.98
N ARG C 35 21.09 -31.14 12.95
CA ARG C 35 21.38 -30.08 13.91
C ARG C 35 22.50 -29.18 13.37
N PRO C 36 22.87 -28.10 14.09
CA PRO C 36 23.95 -27.23 13.57
C PRO C 36 25.25 -27.86 13.06
N SER C 37 25.72 -28.91 13.71
CA SER C 37 26.95 -29.55 13.26
C SER C 37 26.71 -30.56 12.11
N ASP C 38 25.46 -30.71 11.70
CA ASP C 38 25.08 -31.62 10.60
C ASP C 38 24.75 -30.87 9.30
N PHE C 39 25.20 -29.62 9.22
CA PHE C 39 24.97 -28.78 8.05
C PHE C 39 25.53 -29.43 6.78
N GLY C 40 26.78 -29.87 6.84
CA GLY C 40 27.41 -30.52 5.71
C GLY C 40 26.64 -31.75 5.27
N ALA C 41 26.19 -32.54 6.24
CA ALA C 41 25.43 -33.77 5.97
C ALA C 41 24.10 -33.42 5.32
N TYR C 42 23.48 -32.33 5.79
CA TYR C 42 22.21 -31.86 5.26
C TYR C 42 22.35 -31.51 3.79
N LEU C 43 23.36 -30.70 3.49
CA LEU C 43 23.66 -30.28 2.13
C LEU C 43 23.92 -31.46 1.21
N ASP C 44 24.64 -32.44 1.73
CA ASP C 44 24.96 -33.65 0.97
C ASP C 44 23.68 -34.36 0.57
N ALA C 45 22.76 -34.46 1.51
CA ALA C 45 21.47 -35.12 1.27
C ALA C 45 20.69 -34.46 0.15
N LEU C 46 20.75 -33.12 0.08
CA LEU C 46 20.02 -32.40 -0.96
C LEU C 46 20.64 -32.63 -2.34
N GLU C 47 21.98 -32.63 -2.40
CA GLU C 47 22.68 -32.86 -3.66
C GLU C 47 22.49 -34.29 -4.13
N ALA C 48 22.35 -35.22 -3.20
CA ALA C 48 22.17 -36.64 -3.53
C ALA C 48 20.85 -36.80 -4.29
N GLU C 49 19.84 -36.02 -3.88
CA GLU C 49 18.52 -36.04 -4.50
C GLU C 49 18.63 -35.45 -5.92
N VAL C 50 19.43 -34.39 -6.06
CA VAL C 50 19.64 -33.75 -7.35
C VAL C 50 20.38 -34.71 -8.28
N ALA C 51 21.33 -35.46 -7.72
CA ALA C 51 22.14 -36.43 -8.47
C ALA C 51 21.30 -37.56 -9.08
N ARG C 52 20.16 -37.86 -8.47
CA ARG C 52 19.25 -38.90 -8.97
C ARG C 52 18.28 -38.33 -9.98
N GLY C 53 18.39 -37.03 -10.25
CA GLY C 53 17.48 -36.39 -11.18
C GLY C 53 16.13 -36.29 -10.50
N GLY C 54 16.15 -36.18 -9.17
CA GLY C 54 14.94 -36.10 -8.38
C GLY C 54 14.44 -34.69 -8.09
N LEU C 55 13.59 -34.56 -7.06
CA LEU C 55 13.00 -33.28 -6.69
C LEU C 55 13.08 -32.94 -5.20
N ILE C 56 13.21 -31.65 -4.91
CA ILE C 56 13.30 -31.13 -3.54
C ILE C 56 12.14 -30.14 -3.35
N VAL C 57 11.33 -30.35 -2.33
CA VAL C 57 10.17 -29.48 -2.06
C VAL C 57 10.36 -28.63 -0.81
N PHE C 58 10.13 -27.32 -0.94
CA PHE C 58 10.22 -26.38 0.16
C PHE C 58 8.95 -25.54 0.12
N HIS C 59 8.67 -24.82 1.20
CA HIS C 59 7.54 -23.91 1.27
C HIS C 59 8.26 -22.57 1.41
N ASN C 60 8.30 -21.84 0.31
CA ASN C 60 8.96 -20.55 0.19
C ASN C 60 10.48 -20.76 0.06
N GLY C 61 10.87 -21.86 -0.55
CA GLY C 61 12.28 -22.15 -0.74
C GLY C 61 12.93 -21.30 -1.82
N HIS C 62 12.18 -20.97 -2.87
CA HIS C 62 12.72 -20.15 -3.96
C HIS C 62 13.25 -18.81 -3.49
N LYS C 63 12.50 -18.17 -2.60
CA LYS C 63 12.89 -16.87 -2.05
C LYS C 63 13.77 -16.95 -0.81
N TYR C 64 13.63 -18.01 -0.01
CA TYR C 64 14.44 -18.11 1.19
C TYR C 64 15.43 -19.28 1.33
N ASP C 65 14.91 -20.49 1.52
CA ASP C 65 15.75 -21.69 1.72
C ASP C 65 16.86 -21.94 0.72
N VAL C 66 16.53 -21.97 -0.57
CA VAL C 66 17.54 -22.22 -1.60
C VAL C 66 18.69 -21.17 -1.56
N PRO C 67 18.38 -19.87 -1.68
CA PRO C 67 19.45 -18.84 -1.65
C PRO C 67 20.18 -18.81 -0.30
N ALA C 68 19.44 -19.06 0.78
CA ALA C 68 20.01 -19.06 2.12
C ALA C 68 21.08 -20.12 2.25
N LEU C 69 20.79 -21.31 1.73
CA LEU C 69 21.73 -22.43 1.79
C LEU C 69 23.01 -22.17 1.00
N THR C 70 22.89 -21.45 -0.11
CA THR C 70 24.03 -21.09 -0.95
C THR C 70 24.92 -20.12 -0.18
N LYS C 71 24.29 -19.13 0.45
CA LYS C 71 25.00 -18.11 1.24
C LYS C 71 25.72 -18.75 2.44
N LEU C 72 24.98 -19.55 3.21
CA LEU C 72 25.49 -20.23 4.39
C LEU C 72 26.55 -21.29 4.11
N ALA C 73 26.42 -22.00 2.99
CA ALA C 73 27.38 -23.04 2.63
C ALA C 73 28.76 -22.41 2.41
N LYS C 74 28.79 -21.24 1.79
CA LYS C 74 30.03 -20.53 1.51
C LYS C 74 30.63 -19.90 2.76
N LEU C 75 29.76 -19.31 3.60
CA LEU C 75 30.21 -18.64 4.82
C LEU C 75 30.70 -19.58 5.91
N GLN C 76 29.91 -20.61 6.19
CA GLN C 76 30.24 -21.57 7.23
C GLN C 76 31.15 -22.73 6.83
N LEU C 77 30.97 -23.24 5.62
CA LEU C 77 31.76 -24.39 5.15
C LEU C 77 32.73 -24.10 4.02
N ASN C 78 32.62 -22.92 3.42
CA ASN C 78 33.48 -22.52 2.30
C ASN C 78 33.21 -23.52 1.17
N ARG C 79 31.92 -23.68 0.87
CA ARG C 79 31.43 -24.61 -0.14
C ARG C 79 30.51 -23.92 -1.16
N GLU C 80 30.56 -24.38 -2.40
CA GLU C 80 29.71 -23.86 -3.46
C GLU C 80 28.50 -24.80 -3.54
N PHE C 81 27.34 -24.30 -3.10
CA PHE C 81 26.10 -25.06 -3.12
C PHE C 81 25.14 -24.31 -4.01
N HIS C 82 24.68 -24.94 -5.08
CA HIS C 82 23.75 -24.30 -6.00
C HIS C 82 22.73 -25.28 -6.57
N LEU C 83 21.58 -25.39 -5.91
CA LEU C 83 20.53 -26.28 -6.36
C LEU C 83 19.97 -25.77 -7.67
N PRO C 84 19.84 -26.66 -8.68
CA PRO C 84 19.32 -26.25 -9.98
C PRO C 84 17.83 -25.92 -9.86
N ARG C 85 17.40 -24.92 -10.63
CA ARG C 85 16.02 -24.49 -10.64
C ARG C 85 15.05 -25.65 -10.93
N GLU C 86 15.42 -26.47 -11.91
CA GLU C 86 14.60 -27.61 -12.33
C GLU C 86 14.38 -28.73 -11.32
N ASN C 87 15.17 -28.77 -10.26
CA ASN C 87 15.01 -29.80 -9.24
C ASN C 87 14.23 -29.28 -8.03
N CYS C 88 13.81 -28.01 -8.08
CA CYS C 88 13.09 -27.41 -6.96
C CYS C 88 11.60 -27.15 -7.14
N ILE C 89 10.87 -27.38 -6.06
CA ILE C 89 9.42 -27.17 -6.03
C ILE C 89 9.10 -26.30 -4.81
N ASP C 90 8.15 -25.39 -4.98
CA ASP C 90 7.75 -24.49 -3.90
C ASP C 90 6.22 -24.58 -3.69
N THR C 91 5.81 -25.09 -2.53
CA THR C 91 4.38 -25.22 -2.22
C THR C 91 3.66 -23.87 -2.09
N LEU C 92 4.41 -22.81 -1.76
CA LEU C 92 3.81 -21.47 -1.65
C LEU C 92 3.49 -20.99 -3.06
N VAL C 93 4.40 -21.25 -4.00
CA VAL C 93 4.21 -20.87 -5.40
C VAL C 93 3.02 -21.69 -5.92
N LEU C 94 2.99 -22.98 -5.61
CA LEU C 94 1.90 -23.85 -6.05
C LEU C 94 0.56 -23.43 -5.48
N SER C 95 0.55 -23.04 -4.20
CA SER C 95 -0.67 -22.61 -3.53
C SER C 95 -1.18 -21.33 -4.13
N ARG C 96 -0.26 -20.42 -4.47
CA ARG C 96 -0.66 -19.13 -5.04
C ARG C 96 -1.22 -19.26 -6.45
N LEU C 97 -0.88 -20.35 -7.12
CA LEU C 97 -1.38 -20.63 -8.46
C LEU C 97 -2.76 -21.31 -8.35
N ILE C 98 -2.80 -22.43 -7.64
CA ILE C 98 -4.03 -23.20 -7.46
C ILE C 98 -5.12 -22.46 -6.69
N HIS C 99 -4.73 -21.81 -5.60
CA HIS C 99 -5.66 -21.04 -4.77
C HIS C 99 -5.45 -19.54 -5.05
N SER C 100 -5.42 -19.20 -6.33
CA SER C 100 -5.22 -17.83 -6.80
C SER C 100 -6.30 -16.85 -6.36
N ASN C 101 -7.48 -17.38 -6.03
CA ASN C 101 -8.61 -16.57 -5.57
C ASN C 101 -8.49 -16.13 -4.12
N LEU C 102 -7.60 -16.80 -3.37
CA LEU C 102 -7.39 -16.49 -1.97
C LEU C 102 -6.12 -15.67 -1.65
N LYS C 103 -6.18 -14.97 -0.52
CA LYS C 103 -5.06 -14.17 -0.04
C LYS C 103 -4.18 -15.08 0.81
N ASP C 104 -3.08 -14.52 1.29
CA ASP C 104 -2.15 -15.20 2.19
C ASP C 104 -1.36 -14.13 2.95
N THR C 105 -0.76 -14.49 4.09
CA THR C 105 -0.01 -13.52 4.90
C THR C 105 1.40 -13.19 4.46
N ASP C 106 1.79 -13.63 3.26
CA ASP C 106 3.13 -13.43 2.70
C ASP C 106 4.16 -13.82 3.74
N MET C 107 4.02 -15.05 4.22
CA MET C 107 4.87 -15.67 5.24
C MET C 107 4.94 -14.88 6.54
N GLY C 108 3.77 -14.49 7.04
CA GLY C 108 3.66 -13.75 8.30
C GLY C 108 3.99 -12.26 8.28
N LEU C 109 4.28 -11.72 7.10
CA LEU C 109 4.60 -10.30 6.98
C LEU C 109 3.35 -9.44 7.04
N LEU C 110 2.22 -9.99 6.61
CA LEU C 110 0.96 -9.26 6.60
C LEU C 110 0.04 -9.64 7.75
N ARG C 111 -0.68 -8.64 8.26
CA ARG C 111 -1.64 -8.82 9.36
C ARG C 111 -2.73 -9.77 8.88
N SER C 112 -2.87 -10.89 9.57
CA SER C 112 -3.88 -11.91 9.22
C SER C 112 -5.33 -11.39 9.19
N GLY C 113 -5.64 -10.44 10.06
CA GLY C 113 -6.99 -9.89 10.13
C GLY C 113 -7.37 -8.82 9.13
N LYS C 114 -6.37 -8.15 8.54
CA LYS C 114 -6.62 -7.11 7.55
C LYS C 114 -6.89 -7.72 6.17
N LEU C 115 -6.66 -9.02 6.04
CA LEU C 115 -6.88 -9.73 4.78
C LEU C 115 -8.31 -10.21 4.59
N PRO C 116 -8.90 -9.94 3.41
CA PRO C 116 -10.27 -10.36 3.09
C PRO C 116 -10.36 -11.84 2.76
N GLY C 117 -11.57 -12.40 2.90
CA GLY C 117 -11.81 -13.81 2.61
C GLY C 117 -11.17 -14.83 3.53
N ALA C 118 -11.13 -16.07 3.07
CA ALA C 118 -10.55 -17.18 3.85
C ALA C 118 -9.07 -17.42 3.51
N LEU C 119 -8.40 -18.19 4.36
CA LEU C 119 -7.00 -18.50 4.16
C LEU C 119 -6.82 -20.01 4.22
N GLU C 120 -6.07 -20.57 3.26
CA GLU C 120 -5.81 -22.00 3.21
C GLU C 120 -5.11 -22.37 4.53
N ALA C 121 -5.63 -23.40 5.19
CA ALA C 121 -5.13 -23.87 6.48
C ALA C 121 -3.65 -24.22 6.68
N TRP C 122 -3.14 -25.14 5.88
CA TRP C 122 -1.74 -25.57 6.00
C TRP C 122 -0.76 -24.42 5.74
N GLY C 123 -1.07 -23.62 4.73
CA GLY C 123 -0.23 -22.48 4.39
C GLY C 123 -0.33 -21.45 5.48
N TYR C 124 -1.52 -21.30 6.08
CA TYR C 124 -1.70 -20.34 7.16
C TYR C 124 -0.76 -20.73 8.31
N ARG C 125 -0.79 -22.01 8.71
CA ARG C 125 0.05 -22.51 9.80
C ARG C 125 1.53 -22.29 9.51
N LEU C 126 1.96 -22.55 8.29
CA LEU C 126 3.36 -22.37 7.90
C LEU C 126 3.77 -20.90 8.01
N GLY C 127 2.87 -20.00 7.63
CA GLY C 127 3.16 -18.58 7.72
C GLY C 127 3.16 -18.03 9.13
N GLU C 128 2.60 -18.79 10.08
CA GLU C 128 2.52 -18.36 11.48
C GLU C 128 3.55 -19.00 12.40
N MET C 129 4.27 -20.00 11.90
CA MET C 129 5.26 -20.71 12.70
C MET C 129 6.30 -19.86 13.42
N LYS C 130 6.76 -18.79 12.78
CA LYS C 130 7.76 -17.94 13.41
C LYS C 130 7.22 -17.16 14.59
N GLY C 131 6.04 -16.55 14.42
CA GLY C 131 5.44 -15.78 15.50
C GLY C 131 5.03 -16.69 16.65
N GLU C 132 4.58 -17.88 16.28
CA GLU C 132 4.13 -18.91 17.20
C GLU C 132 5.32 -19.46 17.99
N TYR C 133 6.48 -19.51 17.33
CA TYR C 133 7.70 -19.99 17.97
C TYR C 133 8.18 -18.91 18.96
N LYS C 134 8.02 -17.65 18.56
CA LYS C 134 8.42 -16.52 19.41
C LYS C 134 7.56 -16.52 20.68
N ASP C 135 6.29 -16.91 20.55
CA ASP C 135 5.38 -16.96 21.71
C ASP C 135 5.82 -18.07 22.67
N ASP C 136 6.21 -19.23 22.13
CA ASP C 136 6.65 -20.35 22.94
C ASP C 136 7.97 -20.08 23.62
N PHE C 137 8.86 -19.39 22.91
CA PHE C 137 10.17 -19.03 23.42
C PHE C 137 10.04 -18.01 24.55
N LYS C 138 9.21 -16.99 24.32
CA LYS C 138 8.98 -15.93 25.31
C LYS C 138 8.40 -16.41 26.64
N ARG C 139 7.42 -17.30 26.59
CA ARG C 139 6.84 -17.81 27.83
C ARG C 139 7.75 -18.80 28.56
N MET C 140 8.52 -19.59 27.81
CA MET C 140 9.46 -20.54 28.42
C MET C 140 10.50 -19.78 29.24
N LEU C 141 10.89 -18.59 28.74
CA LEU C 141 11.88 -17.76 29.43
C LEU C 141 11.30 -17.02 30.62
N GLU C 142 10.04 -16.61 30.52
CA GLU C 142 9.40 -15.90 31.62
C GLU C 142 9.03 -16.83 32.76
N GLU C 143 9.07 -18.14 32.49
CA GLU C 143 8.77 -19.15 33.50
C GLU C 143 10.04 -19.32 34.32
N GLN C 144 11.19 -19.27 33.64
CA GLN C 144 12.49 -19.41 34.29
C GLN C 144 13.01 -18.09 34.87
N GLY C 145 12.21 -17.03 34.75
CA GLY C 145 12.58 -15.73 35.28
C GLY C 145 13.47 -14.87 34.40
N GLU C 146 14.02 -15.47 33.34
CA GLU C 146 14.91 -14.76 32.42
C GLU C 146 14.14 -13.77 31.54
N GLU C 147 14.81 -12.70 31.14
CA GLU C 147 14.19 -11.67 30.32
C GLU C 147 14.35 -11.84 28.82
N TYR C 148 13.29 -11.50 28.09
CA TYR C 148 13.29 -11.59 26.64
C TYR C 148 13.80 -10.29 26.04
N VAL C 149 14.64 -10.41 25.02
CA VAL C 149 15.24 -9.26 24.34
C VAL C 149 14.98 -9.30 22.84
N ASP C 150 14.80 -8.11 22.26
CA ASP C 150 14.55 -7.87 20.84
C ASP C 150 13.98 -9.04 20.04
N GLY C 151 14.86 -9.94 19.62
CA GLY C 151 14.47 -11.11 18.84
C GLY C 151 15.47 -12.22 19.10
N MET C 152 15.74 -12.46 20.38
CA MET C 152 16.69 -13.48 20.78
C MET C 152 16.34 -14.94 20.49
N GLU C 153 15.11 -15.21 20.09
CA GLU C 153 14.69 -16.58 19.79
C GLU C 153 15.41 -17.16 18.57
N TRP C 154 16.04 -16.29 17.78
CA TRP C 154 16.76 -16.73 16.59
C TRP C 154 18.28 -16.69 16.71
N TRP C 155 18.82 -16.19 17.82
CA TRP C 155 20.28 -16.11 17.98
C TRP C 155 20.95 -17.48 18.05
N ASN C 156 20.33 -18.41 18.77
CA ASN C 156 20.88 -19.75 18.94
C ASN C 156 19.88 -20.88 18.69
N PHE C 157 20.42 -22.06 18.42
CA PHE C 157 19.62 -23.27 18.18
C PHE C 157 19.19 -23.90 19.50
N ASN C 158 18.01 -24.51 19.49
CA ASN C 158 17.49 -25.20 20.67
C ASN C 158 16.49 -26.25 20.19
N GLU C 159 16.19 -27.23 21.05
CA GLU C 159 15.25 -28.29 20.69
C GLU C 159 13.82 -27.87 20.39
N GLU C 160 13.43 -26.67 20.84
CA GLU C 160 12.08 -26.15 20.58
C GLU C 160 12.03 -25.71 19.12
N MET C 161 13.13 -25.13 18.64
CA MET C 161 13.26 -24.67 17.25
C MET C 161 13.27 -25.90 16.33
N MET C 162 13.95 -26.95 16.78
CA MET C 162 14.07 -28.21 16.04
C MET C 162 12.69 -28.84 15.85
N ASP C 163 11.85 -28.77 16.88
CA ASP C 163 10.49 -29.31 16.84
C ASP C 163 9.65 -28.59 15.81
N TYR C 164 9.74 -27.27 15.78
CA TYR C 164 8.99 -26.48 14.81
C TYR C 164 9.48 -26.76 13.39
N ASN C 165 10.74 -27.18 13.27
CA ASN C 165 11.33 -27.51 11.98
C ASN C 165 10.69 -28.79 11.46
N VAL C 166 10.52 -29.78 12.33
CA VAL C 166 9.90 -31.07 11.96
C VAL C 166 8.43 -30.83 11.61
N GLN C 167 7.77 -29.97 12.38
CA GLN C 167 6.37 -29.68 12.12
C GLN C 167 6.19 -28.98 10.78
N ASP C 168 7.16 -28.15 10.38
CA ASP C 168 7.09 -27.44 9.10
C ASP C 168 7.05 -28.44 7.95
N VAL C 169 7.94 -29.44 7.99
CA VAL C 169 7.99 -30.43 6.92
C VAL C 169 6.76 -31.33 6.91
N VAL C 170 6.20 -31.66 8.08
CA VAL C 170 5.01 -32.52 8.09
C VAL C 170 3.84 -31.73 7.48
N VAL C 171 3.75 -30.44 7.81
CA VAL C 171 2.70 -29.59 7.28
C VAL C 171 2.93 -29.30 5.79
N THR C 172 4.20 -29.15 5.40
CA THR C 172 4.54 -28.89 4.00
C THR C 172 4.21 -30.12 3.17
N LYS C 173 4.46 -31.31 3.72
CA LYS C 173 4.17 -32.58 3.05
C LYS C 173 2.66 -32.67 2.84
N ALA C 174 1.90 -32.31 3.87
CA ALA C 174 0.45 -32.33 3.81
C ALA C 174 -0.09 -31.35 2.77
N LEU C 175 0.49 -30.15 2.70
CA LEU C 175 0.06 -29.14 1.75
C LEU C 175 0.39 -29.63 0.33
N LEU C 176 1.58 -30.17 0.15
CA LEU C 176 2.02 -30.67 -1.15
C LEU C 176 1.06 -31.70 -1.74
N GLU C 177 0.69 -32.69 -0.94
CA GLU C 177 -0.22 -33.74 -1.39
C GLU C 177 -1.62 -33.22 -1.66
N LYS C 178 -2.00 -32.15 -0.96
CA LYS C 178 -3.30 -31.53 -1.14
C LYS C 178 -3.32 -30.78 -2.49
N LEU C 179 -2.17 -30.22 -2.86
CA LEU C 179 -2.02 -29.49 -4.12
C LEU C 179 -1.96 -30.43 -5.33
N LEU C 180 -1.22 -31.52 -5.18
CA LEU C 180 -1.06 -32.52 -6.24
C LEU C 180 -2.35 -33.28 -6.52
N SER C 181 -3.28 -33.25 -5.57
CA SER C 181 -4.55 -33.95 -5.74
C SER C 181 -5.53 -33.16 -6.60
N ASP C 182 -5.11 -31.99 -7.08
CA ASP C 182 -5.96 -31.16 -7.94
C ASP C 182 -5.81 -31.74 -9.35
N LYS C 183 -6.87 -32.37 -9.85
CA LYS C 183 -6.87 -32.99 -11.17
C LYS C 183 -6.71 -32.03 -12.34
N HIS C 184 -6.99 -30.75 -12.11
CA HIS C 184 -6.86 -29.75 -13.16
C HIS C 184 -5.39 -29.45 -13.49
N TYR C 185 -4.54 -29.50 -12.47
CA TYR C 185 -3.12 -29.21 -12.64
C TYR C 185 -2.26 -30.45 -12.75
N PHE C 186 -2.66 -31.51 -12.03
CA PHE C 186 -1.92 -32.77 -12.03
C PHE C 186 -2.80 -33.97 -12.39
N PRO C 187 -2.49 -34.63 -13.53
CA PRO C 187 -3.23 -35.80 -14.00
C PRO C 187 -3.23 -36.94 -12.98
N PRO C 188 -4.43 -37.50 -12.69
CA PRO C 188 -4.62 -38.60 -11.73
C PRO C 188 -3.85 -39.87 -12.08
N GLU C 189 -3.55 -40.05 -13.36
CA GLU C 189 -2.83 -41.24 -13.84
C GLU C 189 -1.40 -41.33 -13.31
N ILE C 190 -0.85 -40.18 -12.95
CA ILE C 190 0.52 -40.08 -12.46
C ILE C 190 0.68 -39.77 -10.98
N ASP C 191 1.57 -40.51 -10.31
CA ASP C 191 1.87 -40.28 -8.91
C ASP C 191 3.07 -39.33 -8.95
N PHE C 192 2.78 -38.03 -8.82
CA PHE C 192 3.82 -37.00 -8.85
C PHE C 192 4.84 -37.02 -7.72
N THR C 193 4.63 -37.89 -6.73
CA THR C 193 5.57 -37.99 -5.62
C THR C 193 6.54 -39.13 -5.92
N ASP C 194 6.36 -39.76 -7.08
CA ASP C 194 7.20 -40.87 -7.52
C ASP C 194 7.73 -40.71 -8.95
N VAL C 195 8.07 -39.48 -9.33
CA VAL C 195 8.60 -39.22 -10.67
C VAL C 195 9.85 -38.34 -10.62
N GLY C 196 10.65 -38.38 -11.69
CA GLY C 196 11.85 -37.55 -11.76
C GLY C 196 11.45 -36.12 -12.09
N TYR C 197 12.37 -35.19 -11.95
CA TYR C 197 12.06 -33.78 -12.24
C TYR C 197 11.52 -33.52 -13.63
N THR C 198 12.14 -34.17 -14.62
CA THR C 198 11.76 -34.00 -16.01
C THR C 198 10.31 -34.42 -16.27
N THR C 199 9.86 -35.46 -15.58
CA THR C 199 8.49 -35.94 -15.72
C THR C 199 7.54 -35.00 -14.99
N PHE C 200 7.98 -34.45 -13.86
CA PHE C 200 7.15 -33.54 -13.09
C PHE C 200 6.72 -32.32 -13.90
N TRP C 201 7.66 -31.74 -14.65
CA TRP C 201 7.36 -30.55 -15.46
C TRP C 201 6.63 -30.87 -16.76
N SER C 202 6.99 -31.98 -17.40
CA SER C 202 6.35 -32.36 -18.66
C SER C 202 4.90 -32.82 -18.51
N GLU C 203 4.60 -33.59 -17.46
CA GLU C 203 3.25 -34.11 -17.23
C GLU C 203 2.24 -33.17 -16.56
N SER C 204 2.73 -32.22 -15.79
CA SER C 204 1.86 -31.26 -15.10
C SER C 204 1.45 -30.13 -16.03
N LEU C 205 0.42 -29.39 -15.63
CA LEU C 205 -0.09 -28.27 -16.43
C LEU C 205 1.01 -27.24 -16.68
N GLU C 206 1.03 -26.67 -17.87
CA GLU C 206 2.05 -25.68 -18.24
C GLU C 206 2.22 -24.59 -17.19
N ALA C 207 1.12 -24.20 -16.54
CA ALA C 207 1.12 -23.15 -15.52
C ALA C 207 2.06 -23.45 -14.36
N VAL C 208 2.18 -24.72 -14.01
CA VAL C 208 3.05 -25.14 -12.92
C VAL C 208 4.51 -24.81 -13.25
N ASP C 209 4.91 -25.04 -14.50
CA ASP C 209 6.27 -24.76 -14.95
C ASP C 209 6.53 -23.26 -14.96
N ILE C 210 5.62 -22.50 -15.57
CA ILE C 210 5.76 -21.04 -15.65
C ILE C 210 5.84 -20.33 -14.30
N GLU C 211 5.06 -20.79 -13.32
CA GLU C 211 5.06 -20.19 -11.99
C GLU C 211 6.36 -20.41 -11.22
N HIS C 212 6.93 -21.61 -11.31
CA HIS C 212 8.19 -21.87 -10.63
C HIS C 212 9.33 -21.11 -11.28
N ARG C 213 9.30 -21.00 -12.60
CA ARG C 213 10.34 -20.27 -13.33
C ARG C 213 10.24 -18.78 -13.03
N ALA C 214 9.00 -18.28 -12.96
CA ALA C 214 8.79 -16.87 -12.65
C ALA C 214 9.25 -16.56 -11.23
N ALA C 215 8.91 -17.43 -10.28
CA ALA C 215 9.29 -17.23 -8.89
C ALA C 215 10.79 -17.32 -8.68
N TRP C 216 11.44 -18.17 -9.47
CA TRP C 216 12.89 -18.34 -9.36
C TRP C 216 13.59 -17.11 -9.92
N LEU C 217 13.06 -16.57 -11.01
CA LEU C 217 13.63 -15.38 -11.64
C LEU C 217 13.42 -14.13 -10.77
N LEU C 218 12.22 -13.98 -10.25
CA LEU C 218 11.85 -12.83 -9.42
C LEU C 218 12.54 -12.83 -8.06
N ALA C 219 12.94 -14.00 -7.58
CA ALA C 219 13.64 -14.10 -6.31
C ALA C 219 15.02 -13.50 -6.54
N LYS C 220 15.56 -13.75 -7.73
CA LYS C 220 16.87 -13.22 -8.13
C LYS C 220 16.79 -11.70 -8.25
N GLN C 221 15.69 -11.21 -8.84
CA GLN C 221 15.47 -9.78 -9.02
C GLN C 221 15.43 -9.05 -7.67
N GLU C 222 14.84 -9.70 -6.66
CA GLU C 222 14.74 -9.13 -5.33
C GLU C 222 16.12 -9.02 -4.71
N ARG C 223 16.91 -10.08 -4.87
CA ARG C 223 18.27 -10.12 -4.36
C ARG C 223 19.15 -9.09 -5.06
N ASN C 224 18.86 -8.82 -6.33
CA ASN C 224 19.61 -7.84 -7.11
C ASN C 224 19.33 -6.47 -6.51
N GLY C 225 18.04 -6.12 -6.45
CA GLY C 225 17.64 -4.83 -5.91
C GLY C 225 17.61 -3.80 -7.01
N PHE C 226 17.14 -2.61 -6.68
CA PHE C 226 17.06 -1.52 -7.64
C PHE C 226 17.94 -0.41 -7.10
N PRO C 227 19.09 -0.12 -7.75
CA PRO C 227 20.02 0.93 -7.34
C PRO C 227 19.26 2.23 -7.13
N PHE C 228 19.35 2.73 -5.90
CA PHE C 228 18.66 3.94 -5.49
C PHE C 228 19.59 5.09 -5.07
N ASP C 229 19.21 6.31 -5.45
CA ASP C 229 19.97 7.51 -5.13
C ASP C 229 19.43 8.10 -3.83
N THR C 230 20.03 7.68 -2.71
CA THR C 230 19.64 8.14 -1.40
C THR C 230 19.81 9.65 -1.24
N LYS C 231 20.95 10.19 -1.63
CA LYS C 231 21.21 11.62 -1.52
C LYS C 231 20.19 12.48 -2.25
N ALA C 232 19.88 12.15 -3.50
CA ALA C 232 18.91 12.91 -4.28
C ALA C 232 17.53 12.96 -3.63
N ILE C 233 17.13 11.83 -3.05
CA ILE C 233 15.81 11.75 -2.40
C ILE C 233 15.79 12.44 -1.04
N GLU C 234 16.94 12.45 -0.36
CA GLU C 234 17.06 13.12 0.92
C GLU C 234 16.99 14.62 0.68
N GLU C 235 17.55 15.07 -0.45
CA GLU C 235 17.52 16.49 -0.81
C GLU C 235 16.11 16.87 -1.24
N LEU C 236 15.42 15.93 -1.88
CA LEU C 236 14.04 16.15 -2.32
C LEU C 236 13.14 16.27 -1.10
N TYR C 237 13.46 15.52 -0.05
CA TYR C 237 12.70 15.52 1.21
C TYR C 237 12.81 16.89 1.90
N VAL C 238 14.01 17.47 1.86
CA VAL C 238 14.25 18.78 2.46
C VAL C 238 13.46 19.86 1.72
N GLU C 239 13.42 19.74 0.38
CA GLU C 239 12.69 20.69 -0.47
C GLU C 239 11.18 20.59 -0.23
N LEU C 240 10.67 19.36 -0.17
CA LEU C 240 9.25 19.11 0.06
C LEU C 240 8.81 19.55 1.45
N ALA C 241 9.62 19.23 2.45
CA ALA C 241 9.34 19.58 3.84
C ALA C 241 9.33 21.11 4.03
N ALA C 242 10.19 21.80 3.29
CA ALA C 242 10.27 23.27 3.35
C ALA C 242 9.01 23.87 2.78
N ARG C 243 8.52 23.28 1.68
CA ARG C 243 7.31 23.75 1.04
C ARG C 243 6.11 23.42 1.91
N ARG C 244 6.17 22.30 2.62
CA ARG C 244 5.09 21.88 3.50
C ARG C 244 4.98 22.85 4.67
N SER C 245 6.13 23.19 5.25
CA SER C 245 6.18 24.12 6.38
C SER C 245 5.57 25.47 6.01
N GLU C 246 5.86 25.92 4.79
CA GLU C 246 5.34 27.20 4.31
C GLU C 246 3.85 27.14 4.03
N LEU C 247 3.39 26.05 3.43
CA LEU C 247 1.98 25.88 3.13
C LEU C 247 1.19 25.83 4.44
N LEU C 248 1.74 25.13 5.42
CA LEU C 248 1.13 24.99 6.74
C LEU C 248 1.06 26.34 7.46
N ARG C 249 2.11 27.15 7.31
CA ARG C 249 2.19 28.48 7.92
C ARG C 249 1.09 29.40 7.39
N LYS C 250 0.96 29.45 6.06
CA LYS C 250 -0.04 30.27 5.39
C LYS C 250 -1.45 29.77 5.67
N LEU C 251 -1.62 28.46 5.67
CA LEU C 251 -2.93 27.84 5.91
C LEU C 251 -3.42 28.05 7.34
N THR C 252 -2.51 27.99 8.31
CA THR C 252 -2.90 28.18 9.70
C THR C 252 -3.16 29.67 9.93
N GLU C 253 -2.56 30.50 9.08
CA GLU C 253 -2.72 31.95 9.14
C GLU C 253 -4.16 32.28 8.72
N THR C 254 -4.61 31.64 7.65
CA THR C 254 -5.96 31.82 7.09
C THR C 254 -7.06 31.12 7.89
N PHE C 255 -6.79 29.88 8.28
CA PHE C 255 -7.75 29.09 9.04
C PHE C 255 -7.23 28.93 10.47
N GLY C 256 -7.84 29.68 11.38
CA GLY C 256 -7.43 29.63 12.77
C GLY C 256 -7.87 28.40 13.53
N SER C 257 -7.25 28.23 14.70
CA SER C 257 -7.53 27.11 15.60
C SER C 257 -8.89 27.27 16.29
N TRP C 258 -9.35 26.18 16.91
CA TRP C 258 -10.63 26.18 17.60
C TRP C 258 -10.65 25.12 18.69
N TYR C 259 -11.68 25.15 19.52
CA TYR C 259 -11.85 24.18 20.59
C TYR C 259 -12.96 23.19 20.29
N GLN C 260 -12.78 21.96 20.76
CA GLN C 260 -13.76 20.89 20.56
C GLN C 260 -13.82 20.06 21.83
N PRO C 261 -15.00 19.50 22.15
CA PRO C 261 -15.13 18.69 23.37
C PRO C 261 -14.32 17.40 23.23
N LYS C 262 -13.64 17.02 24.31
CA LYS C 262 -12.83 15.80 24.34
C LYS C 262 -12.53 15.43 25.77
N GLY C 263 -12.84 14.19 26.13
CA GLY C 263 -12.60 13.72 27.48
C GLY C 263 -13.85 13.59 28.32
N GLY C 264 -14.95 14.16 27.84
CA GLY C 264 -16.21 14.10 28.57
C GLY C 264 -16.77 12.68 28.66
N THR C 265 -17.02 12.23 29.89
CA THR C 265 -17.55 10.90 30.13
C THR C 265 -19.05 10.91 30.45
N GLU C 266 -19.43 11.84 31.32
CA GLU C 266 -20.80 12.01 31.79
C GLU C 266 -21.78 12.61 30.77
N MET C 267 -23.04 12.19 30.89
CA MET C 267 -24.11 12.65 30.02
C MET C 267 -24.64 13.98 30.57
N PHE C 268 -24.85 14.96 29.69
CA PHE C 268 -25.38 16.26 30.12
C PHE C 268 -26.90 16.16 30.13
N CYS C 269 -27.50 16.53 31.26
CA CYS C 269 -28.94 16.47 31.41
C CYS C 269 -29.56 17.85 31.63
N HIS C 270 -30.77 18.02 31.09
CA HIS C 270 -31.53 19.25 31.22
C HIS C 270 -31.79 19.54 32.70
N PRO C 271 -31.33 20.71 33.19
CA PRO C 271 -31.50 21.17 34.58
C PRO C 271 -32.96 21.40 34.95
N ARG C 272 -33.69 22.09 34.07
CA ARG C 272 -35.11 22.41 34.23
C ARG C 272 -35.90 21.11 34.27
N THR C 273 -35.91 20.42 33.13
CA THR C 273 -36.59 19.15 32.98
C THR C 273 -35.74 18.05 33.63
N GLY C 274 -34.98 17.31 32.83
CA GLY C 274 -34.14 16.26 33.37
C GLY C 274 -33.74 15.24 32.32
N LYS C 275 -34.34 15.33 31.13
CA LYS C 275 -34.05 14.40 30.06
C LYS C 275 -32.61 14.49 29.60
N PRO C 276 -31.98 13.35 29.31
CA PRO C 276 -30.60 13.34 28.86
C PRO C 276 -30.55 14.02 27.50
N LEU C 277 -29.56 14.89 27.32
CA LEU C 277 -29.36 15.62 26.07
C LEU C 277 -28.15 15.02 25.34
N PRO C 278 -28.38 13.98 24.51
CA PRO C 278 -27.39 13.25 23.71
C PRO C 278 -26.64 14.05 22.66
N LYS C 279 -27.20 15.18 22.26
CA LYS C 279 -26.59 16.03 21.25
C LYS C 279 -25.52 16.98 21.83
N TYR C 280 -25.69 17.38 23.09
CA TYR C 280 -24.74 18.26 23.78
C TYR C 280 -23.47 17.46 24.11
N PRO C 281 -22.31 18.12 24.19
CA PRO C 281 -21.05 17.45 24.52
C PRO C 281 -21.11 16.83 25.91
N ARG C 282 -20.39 15.73 26.09
CA ARG C 282 -20.35 15.06 27.39
C ARG C 282 -19.65 15.98 28.41
N ILE C 283 -20.17 16.02 29.63
CA ILE C 283 -19.61 16.86 30.69
C ILE C 283 -18.72 16.10 31.68
N LYS C 284 -18.40 16.75 32.79
CA LYS C 284 -17.57 16.16 33.83
C LYS C 284 -17.94 16.93 35.09
N THR C 285 -18.47 16.23 36.07
CA THR C 285 -18.85 16.83 37.35
C THR C 285 -17.78 16.39 38.34
N PRO C 286 -16.90 17.32 38.75
CA PRO C 286 -15.80 17.07 39.69
C PRO C 286 -16.15 16.69 41.14
N LYS C 287 -15.13 16.26 41.86
CA LYS C 287 -15.23 15.84 43.26
C LYS C 287 -15.20 17.04 44.23
N GLU C 313 -9.02 24.30 41.24
CA GLU C 313 -9.78 25.20 40.38
C GLU C 313 -11.21 24.71 40.08
N TYR C 314 -11.59 23.58 40.66
CA TYR C 314 -12.94 23.03 40.44
C TYR C 314 -13.78 23.12 41.71
N VAL C 315 -15.08 22.90 41.55
CA VAL C 315 -16.02 22.94 42.67
C VAL C 315 -16.91 21.72 42.54
N ALA C 316 -16.98 20.93 43.61
CA ALA C 316 -17.80 19.71 43.63
C ALA C 316 -19.24 20.01 43.25
N GLY C 317 -19.70 19.36 42.19
CA GLY C 317 -21.07 19.57 41.72
C GLY C 317 -21.19 20.47 40.51
N ALA C 318 -20.21 21.37 40.33
CA ALA C 318 -20.19 22.31 39.20
C ALA C 318 -19.72 21.65 37.90
N PRO C 319 -20.66 21.34 36.99
CA PRO C 319 -20.38 20.70 35.70
C PRO C 319 -19.60 21.55 34.70
N TYR C 320 -18.87 20.87 33.80
CA TYR C 320 -18.09 21.56 32.77
C TYR C 320 -17.76 20.63 31.61
N THR C 321 -17.66 21.21 30.42
CA THR C 321 -17.35 20.47 29.22
C THR C 321 -15.84 20.46 29.00
N PRO C 322 -15.21 19.28 29.09
CA PRO C 322 -13.76 19.20 28.89
C PRO C 322 -13.51 19.47 27.41
N VAL C 323 -12.56 20.35 27.10
CA VAL C 323 -12.27 20.67 25.70
C VAL C 323 -10.80 20.59 25.34
N GLU C 324 -10.56 20.42 24.04
CA GLU C 324 -9.21 20.33 23.51
C GLU C 324 -9.05 21.45 22.48
N HIS C 325 -7.83 21.95 22.37
CA HIS C 325 -7.56 22.98 21.38
C HIS C 325 -7.02 22.23 20.16
N VAL C 326 -7.62 22.51 19.01
CA VAL C 326 -7.21 21.86 17.76
C VAL C 326 -6.76 22.84 16.68
N VAL C 327 -5.57 22.58 16.15
CA VAL C 327 -4.97 23.40 15.11
C VAL C 327 -5.36 22.84 13.75
N PHE C 328 -5.58 23.73 12.79
CA PHE C 328 -5.95 23.34 11.44
C PHE C 328 -4.93 22.35 10.88
N ASN C 329 -5.43 21.27 10.26
CA ASN C 329 -4.60 20.23 9.67
C ASN C 329 -5.11 20.01 8.25
N PRO C 330 -4.34 20.43 7.24
CA PRO C 330 -4.69 20.30 5.82
C PRO C 330 -4.74 18.84 5.35
N SER C 331 -4.12 17.95 6.12
CA SER C 331 -4.10 16.52 5.81
C SER C 331 -5.39 15.83 6.25
N SER C 332 -6.19 16.53 7.04
CA SER C 332 -7.47 15.99 7.50
C SER C 332 -8.48 16.37 6.41
N ARG C 333 -9.58 15.64 6.28
CA ARG C 333 -10.57 15.98 5.27
C ARG C 333 -11.77 16.57 6.03
N ASP C 334 -11.71 16.49 7.35
CA ASP C 334 -12.73 17.01 8.26
C ASP C 334 -12.54 18.50 8.49
N HIS C 335 -11.31 18.89 8.82
CA HIS C 335 -10.95 20.29 9.05
C HIS C 335 -11.22 21.16 7.82
N ILE C 336 -10.83 20.68 6.64
CA ILE C 336 -11.05 21.37 5.36
C ILE C 336 -12.55 21.57 5.12
N GLN C 337 -13.31 20.51 5.39
CA GLN C 337 -14.76 20.49 5.24
C GLN C 337 -15.40 21.50 6.20
N LYS C 338 -14.92 21.50 7.44
CA LYS C 338 -15.41 22.41 8.48
C LYS C 338 -15.20 23.85 8.03
N LYS C 339 -13.93 24.20 7.80
CA LYS C 339 -13.53 25.53 7.37
C LYS C 339 -14.15 26.03 6.08
N LEU C 340 -14.28 25.17 5.09
CA LEU C 340 -14.87 25.57 3.83
C LEU C 340 -16.37 25.79 3.94
N GLN C 341 -17.04 25.04 4.80
CA GLN C 341 -18.49 25.21 4.97
C GLN C 341 -18.76 26.44 5.82
N GLU C 342 -17.83 26.76 6.72
CA GLU C 342 -17.95 27.95 7.56
C GLU C 342 -17.71 29.19 6.69
N ALA C 343 -17.24 28.95 5.46
CA ALA C 343 -16.95 30.01 4.50
C ALA C 343 -18.02 30.08 3.40
N GLY C 344 -19.06 29.25 3.51
CA GLY C 344 -20.13 29.27 2.52
C GLY C 344 -20.29 28.10 1.57
N TRP C 345 -19.30 27.21 1.50
CA TRP C 345 -19.37 26.06 0.60
C TRP C 345 -20.53 25.12 0.97
N VAL C 346 -21.29 24.74 -0.07
CA VAL C 346 -22.42 23.83 0.08
C VAL C 346 -22.06 22.54 -0.69
N PRO C 347 -21.70 21.47 0.04
CA PRO C 347 -21.32 20.19 -0.56
C PRO C 347 -22.41 19.59 -1.45
N THR C 348 -21.99 19.07 -2.60
CA THR C 348 -22.90 18.47 -3.56
C THR C 348 -22.90 16.95 -3.35
N LYS C 349 -21.73 16.35 -3.48
CA LYS C 349 -21.57 14.92 -3.31
C LYS C 349 -21.08 14.51 -1.92
N TYR C 350 -21.65 13.43 -1.41
CA TYR C 350 -21.32 12.90 -0.08
C TYR C 350 -20.90 11.43 -0.17
N THR C 351 -20.43 10.88 0.96
CA THR C 351 -19.99 9.49 1.03
C THR C 351 -21.04 8.67 1.77
N ASP C 352 -21.11 7.38 1.43
CA ASP C 352 -22.07 6.50 2.07
C ASP C 352 -21.65 6.16 3.50
N LYS C 353 -21.94 7.11 4.40
CA LYS C 353 -21.65 6.97 5.82
C LYS C 353 -22.17 8.23 6.50
N GLY C 354 -21.73 9.38 5.99
CA GLY C 354 -22.16 10.64 6.55
C GLY C 354 -21.00 11.61 6.57
N ALA C 355 -20.46 11.88 5.38
CA ALA C 355 -19.33 12.81 5.23
C ALA C 355 -19.22 13.29 3.79
N PRO C 356 -19.14 14.62 3.58
CA PRO C 356 -19.02 15.13 2.22
C PRO C 356 -17.71 14.68 1.57
N VAL C 357 -17.76 14.45 0.27
CA VAL C 357 -16.56 14.03 -0.46
C VAL C 357 -15.60 15.21 -0.57
N VAL C 358 -14.43 15.07 0.03
CA VAL C 358 -13.42 16.11 -0.02
C VAL C 358 -12.15 15.57 -0.71
N ASP C 359 -12.21 15.50 -2.04
CA ASP C 359 -11.07 15.03 -2.83
C ASP C 359 -10.66 16.14 -3.79
N ASP C 360 -9.62 15.90 -4.61
CA ASP C 360 -9.14 16.92 -5.54
C ASP C 360 -10.20 17.41 -6.55
N GLU C 361 -11.15 16.54 -6.89
CA GLU C 361 -12.22 16.88 -7.82
C GLU C 361 -13.11 17.98 -7.27
N VAL C 362 -13.60 17.78 -6.04
CA VAL C 362 -14.48 18.76 -5.41
C VAL C 362 -13.73 20.05 -5.06
N LEU C 363 -12.51 19.91 -4.57
CA LEU C 363 -11.69 21.08 -4.19
C LEU C 363 -11.48 22.01 -5.37
N GLU C 364 -11.25 21.41 -6.54
CA GLU C 364 -11.04 22.18 -7.77
C GLU C 364 -12.31 22.94 -8.17
N GLY C 365 -13.46 22.44 -7.73
CA GLY C 365 -14.73 23.06 -8.05
C GLY C 365 -15.38 23.90 -6.96
N VAL C 366 -14.82 23.84 -5.75
CA VAL C 366 -15.35 24.61 -4.61
C VAL C 366 -15.20 26.11 -4.85
N ARG C 367 -16.28 26.85 -4.60
CA ARG C 367 -16.29 28.30 -4.75
C ARG C 367 -16.87 29.00 -3.51
N VAL C 368 -16.06 29.88 -2.92
CA VAL C 368 -16.48 30.64 -1.75
C VAL C 368 -16.53 32.11 -2.15
N ASP C 369 -16.49 33.03 -1.19
CA ASP C 369 -16.55 34.46 -1.51
C ASP C 369 -15.24 35.15 -1.18
N ASP C 370 -14.74 34.91 0.03
CA ASP C 370 -13.49 35.50 0.49
C ASP C 370 -12.35 35.08 -0.42
N PRO C 371 -11.68 36.05 -1.06
CA PRO C 371 -10.56 35.76 -1.96
C PRO C 371 -9.38 35.02 -1.31
N GLU C 372 -9.11 35.33 -0.04
CA GLU C 372 -8.01 34.67 0.65
C GLU C 372 -8.29 33.18 0.89
N LYS C 373 -9.52 32.86 1.28
CA LYS C 373 -9.90 31.48 1.53
C LYS C 373 -10.00 30.68 0.22
N GLN C 374 -10.43 31.35 -0.85
CA GLN C 374 -10.55 30.74 -2.17
C GLN C 374 -9.14 30.37 -2.66
N ALA C 375 -8.17 31.22 -2.33
CA ALA C 375 -6.78 31.01 -2.71
C ALA C 375 -6.15 29.93 -1.84
N ALA C 376 -6.63 29.81 -0.60
CA ALA C 376 -6.12 28.81 0.32
C ALA C 376 -6.45 27.40 -0.15
N ILE C 377 -7.53 27.26 -0.93
CA ILE C 377 -7.95 25.96 -1.45
C ILE C 377 -6.87 25.37 -2.36
N ASP C 378 -6.15 26.23 -3.06
CA ASP C 378 -5.08 25.77 -3.95
C ASP C 378 -3.87 25.35 -3.13
N LEU C 379 -3.67 26.00 -1.98
CA LEU C 379 -2.56 25.67 -1.10
C LEU C 379 -2.84 24.30 -0.49
N ILE C 380 -4.11 24.01 -0.24
CA ILE C 380 -4.55 22.74 0.33
C ILE C 380 -4.31 21.62 -0.70
N LYS C 381 -4.70 21.86 -1.95
CA LYS C 381 -4.50 20.87 -3.01
C LYS C 381 -3.01 20.57 -3.22
N GLU C 382 -2.19 21.61 -3.11
CA GLU C 382 -0.74 21.46 -3.27
C GLU C 382 -0.16 20.70 -2.08
N TYR C 383 -0.63 21.04 -0.89
CA TYR C 383 -0.18 20.41 0.35
C TYR C 383 -0.45 18.91 0.34
N LEU C 384 -1.65 18.52 -0.10
CA LEU C 384 -2.02 17.12 -0.15
C LEU C 384 -1.07 16.33 -1.05
N MET C 385 -0.70 16.91 -2.18
CA MET C 385 0.24 16.24 -3.07
C MET C 385 1.62 16.21 -2.43
N ILE C 386 2.01 17.33 -1.81
CA ILE C 386 3.31 17.43 -1.15
C ILE C 386 3.41 16.29 -0.15
N GLN C 387 2.35 16.08 0.63
CA GLN C 387 2.32 15.01 1.62
C GLN C 387 2.38 13.62 1.00
N LYS C 388 1.73 13.48 -0.14
CA LYS C 388 1.71 12.22 -0.87
C LYS C 388 3.12 11.81 -1.25
N ARG C 389 3.92 12.77 -1.74
CA ARG C 389 5.30 12.52 -2.13
C ARG C 389 6.20 12.30 -0.92
N ILE C 390 5.97 13.07 0.13
CA ILE C 390 6.76 12.93 1.35
C ILE C 390 6.54 11.57 2.00
N GLY C 391 5.28 11.14 2.05
CA GLY C 391 4.95 9.85 2.65
C GLY C 391 5.54 8.67 1.90
N GLN C 392 5.49 8.71 0.57
CA GLN C 392 6.02 7.61 -0.24
C GLN C 392 7.55 7.56 -0.28
N SER C 393 8.17 8.74 -0.36
CA SER C 393 9.62 8.83 -0.42
C SER C 393 10.38 8.76 0.89
N ALA C 394 9.87 9.43 1.94
CA ALA C 394 10.57 9.47 3.22
C ALA C 394 9.88 9.16 4.55
N GLU C 395 8.68 9.69 4.78
CA GLU C 395 8.00 9.50 6.06
C GLU C 395 7.13 8.29 6.31
N GLY C 396 6.46 7.78 5.28
CA GLY C 396 5.60 6.63 5.43
C GLY C 396 6.34 5.40 5.96
N ASP C 397 5.58 4.43 6.48
CA ASP C 397 6.14 3.19 7.02
C ASP C 397 6.92 2.37 6.00
N LYS C 398 6.52 2.48 4.74
CA LYS C 398 7.15 1.76 3.63
C LYS C 398 7.92 2.73 2.73
N ALA C 399 8.32 3.87 3.28
CA ALA C 399 9.05 4.88 2.52
C ALA C 399 10.38 4.38 1.98
N TRP C 400 10.73 4.84 0.78
CA TRP C 400 11.97 4.47 0.10
C TRP C 400 13.20 4.64 0.98
N LEU C 401 13.29 5.79 1.65
CA LEU C 401 14.43 6.07 2.53
C LEU C 401 14.54 5.10 3.70
N ARG C 402 13.45 4.47 4.09
CA ARG C 402 13.44 3.50 5.19
C ARG C 402 13.79 2.10 4.68
N TYR C 403 13.68 1.92 3.36
CA TYR C 403 13.96 0.62 2.74
C TYR C 403 15.28 0.40 2.01
N VAL C 404 16.18 1.39 2.01
CA VAL C 404 17.47 1.23 1.33
C VAL C 404 18.45 0.41 2.16
N ALA C 405 18.94 -0.67 1.55
CA ALA C 405 19.91 -1.56 2.20
C ALA C 405 21.32 -0.97 2.13
N GLU C 406 22.28 -1.63 2.77
CA GLU C 406 23.67 -1.17 2.78
C GLU C 406 24.31 -1.13 1.40
N ASP C 407 23.82 -1.96 0.50
CA ASP C 407 24.34 -2.00 -0.86
C ASP C 407 23.83 -0.86 -1.73
N GLY C 408 23.14 0.10 -1.11
CA GLY C 408 22.59 1.24 -1.83
C GLY C 408 21.47 0.87 -2.79
N LYS C 409 20.71 -0.18 -2.46
CA LYS C 409 19.61 -0.65 -3.32
C LYS C 409 18.35 -0.97 -2.52
N ILE C 410 17.20 -0.84 -3.18
CA ILE C 410 15.91 -1.14 -2.59
C ILE C 410 15.48 -2.49 -3.15
N HIS C 411 15.39 -3.48 -2.26
CA HIS C 411 15.00 -4.83 -2.63
C HIS C 411 13.50 -5.04 -2.42
N GLY C 412 12.70 -4.45 -3.28
CA GLY C 412 11.25 -4.58 -3.18
C GLY C 412 10.79 -6.02 -3.35
N SER C 413 9.75 -6.40 -2.60
CA SER C 413 9.18 -7.74 -2.67
C SER C 413 8.20 -7.86 -3.82
N VAL C 414 8.07 -9.07 -4.33
CA VAL C 414 7.16 -9.35 -5.43
C VAL C 414 6.48 -10.70 -5.19
N ASN C 415 5.15 -10.71 -5.22
CA ASN C 415 4.37 -11.93 -5.09
C ASN C 415 4.07 -12.19 -6.56
N PRO C 416 4.81 -13.11 -7.19
CA PRO C 416 4.68 -13.48 -8.61
C PRO C 416 3.28 -13.77 -9.13
N ASN C 417 2.38 -14.20 -8.26
CA ASN C 417 1.02 -14.49 -8.68
C ASN C 417 0.06 -13.98 -7.61
N GLY C 418 0.30 -12.75 -7.17
CA GLY C 418 -0.53 -12.13 -6.16
C GLY C 418 -1.94 -11.75 -6.57
N ALA C 419 -2.12 -11.34 -7.82
CA ALA C 419 -3.44 -10.93 -8.33
C ALA C 419 -4.21 -12.15 -8.82
N VAL C 420 -5.54 -12.10 -8.68
CA VAL C 420 -6.40 -13.21 -9.12
C VAL C 420 -6.26 -13.53 -10.60
N THR C 421 -5.99 -12.49 -11.39
CA THR C 421 -5.83 -12.62 -12.84
C THR C 421 -4.50 -13.25 -13.28
N GLY C 422 -3.57 -13.41 -12.34
CA GLY C 422 -2.30 -13.97 -12.70
C GLY C 422 -1.21 -12.90 -12.70
N ARG C 423 -1.58 -11.65 -12.43
CA ARG C 423 -0.62 -10.56 -12.35
C ARG C 423 0.14 -10.74 -11.03
N ALA C 424 1.22 -9.99 -10.88
CA ALA C 424 2.01 -10.03 -9.66
C ALA C 424 1.62 -8.84 -8.81
N THR C 425 1.97 -8.89 -7.53
CA THR C 425 1.72 -7.77 -6.63
C THR C 425 3.11 -7.39 -6.17
N HIS C 426 3.29 -6.14 -5.79
CA HIS C 426 4.60 -5.64 -5.36
C HIS C 426 4.44 -4.87 -4.05
N ALA C 427 5.36 -5.10 -3.11
CA ALA C 427 5.28 -4.41 -1.82
C ALA C 427 6.62 -4.35 -1.07
N PHE C 428 6.65 -3.54 -0.03
CA PHE C 428 7.81 -3.33 0.84
C PHE C 428 9.11 -2.84 0.19
N PRO C 429 9.07 -1.73 -0.58
CA PRO C 429 7.91 -0.91 -0.90
C PRO C 429 7.38 -1.37 -2.27
N ASN C 430 6.24 -0.83 -2.68
CA ASN C 430 5.66 -1.17 -3.97
C ASN C 430 6.40 -0.41 -5.08
N LEU C 431 7.31 -1.12 -5.78
CA LEU C 431 8.07 -0.51 -6.87
C LEU C 431 7.25 -0.34 -8.15
N ALA C 432 6.00 -0.81 -8.11
CA ALA C 432 5.09 -0.69 -9.24
C ALA C 432 4.13 0.52 -9.11
N GLN C 433 4.38 1.38 -8.11
CA GLN C 433 3.54 2.57 -7.94
C GLN C 433 4.38 3.85 -7.82
N ILE C 434 5.59 3.83 -8.39
CA ILE C 434 6.47 5.01 -8.35
C ILE C 434 5.80 6.09 -9.21
N PRO C 435 5.79 7.35 -8.74
CA PRO C 435 5.15 8.42 -9.53
C PRO C 435 5.74 8.57 -10.94
N GLY C 436 4.86 8.74 -11.92
CA GLY C 436 5.27 8.89 -13.30
C GLY C 436 5.99 10.19 -13.56
N VAL C 437 6.95 10.18 -14.48
CA VAL C 437 7.75 11.37 -14.81
C VAL C 437 6.98 12.61 -15.19
N ARG C 438 5.74 12.44 -15.65
CA ARG C 438 4.92 13.58 -16.06
C ARG C 438 4.02 14.13 -14.96
N SER C 439 4.21 13.68 -13.72
CA SER C 439 3.42 14.15 -12.60
C SER C 439 4.36 15.01 -11.75
N PRO C 440 3.82 15.85 -10.84
CA PRO C 440 4.68 16.70 -9.99
C PRO C 440 5.75 15.91 -9.26
N TYR C 441 7.00 16.36 -9.39
CA TYR C 441 8.16 15.72 -8.77
C TYR C 441 8.40 14.29 -9.25
N GLY C 442 7.72 13.90 -10.33
CA GLY C 442 7.86 12.56 -10.86
C GLY C 442 9.21 12.28 -11.49
N GLU C 443 9.81 13.28 -12.12
CA GLU C 443 11.11 13.09 -12.76
C GLU C 443 12.19 12.86 -11.73
N GLN C 444 12.12 13.58 -10.60
CA GLN C 444 13.09 13.43 -9.54
C GLN C 444 12.95 12.06 -8.87
N CYS C 445 11.71 11.64 -8.66
CA CYS C 445 11.44 10.34 -8.03
C CYS C 445 11.96 9.19 -8.88
N ARG C 446 11.60 9.25 -10.16
CA ARG C 446 11.96 8.25 -11.15
C ARG C 446 13.46 8.19 -11.45
N ALA C 447 14.12 9.35 -11.44
CA ALA C 447 15.56 9.43 -11.72
C ALA C 447 16.40 8.78 -10.62
N ALA C 448 15.85 8.75 -9.40
CA ALA C 448 16.52 8.16 -8.24
C ALA C 448 16.66 6.64 -8.32
N PHE C 449 15.86 6.02 -9.19
CA PHE C 449 15.88 4.58 -9.42
C PHE C 449 16.58 4.41 -10.75
N GLY C 450 17.84 3.95 -10.73
CA GLY C 450 18.54 3.79 -11.99
C GLY C 450 19.80 2.98 -11.92
N ALA C 451 20.14 2.36 -13.03
CA ALA C 451 21.34 1.53 -13.13
C ALA C 451 22.58 2.38 -12.93
N GLU C 452 22.49 3.66 -13.28
CA GLU C 452 23.59 4.62 -13.14
C GLU C 452 24.04 4.73 -11.68
N HIS C 453 23.10 4.48 -10.77
CA HIS C 453 23.35 4.54 -9.32
C HIS C 453 24.11 3.33 -8.79
N HIS C 454 24.45 2.41 -9.68
CA HIS C 454 25.22 1.22 -9.33
C HIS C 454 26.57 1.33 -10.04
N LEU C 455 27.65 1.28 -9.27
CA LEU C 455 28.99 1.37 -9.82
C LEU C 455 29.53 -0.06 -9.88
N ASP C 456 30.08 -0.43 -11.04
CA ASP C 456 30.63 -1.76 -11.26
C ASP C 456 31.63 -2.16 -10.17
N GLY C 457 31.54 -3.42 -9.73
CA GLY C 457 32.42 -3.91 -8.68
C GLY C 457 33.89 -3.95 -9.02
N ILE C 458 34.21 -4.04 -10.31
CA ILE C 458 35.61 -4.08 -10.76
C ILE C 458 36.10 -2.70 -11.24
N THR C 459 35.43 -2.15 -12.24
CA THR C 459 35.82 -0.85 -12.82
C THR C 459 35.30 0.41 -12.14
N GLY C 460 34.23 0.27 -11.37
CA GLY C 460 33.66 1.42 -10.68
C GLY C 460 32.85 2.33 -11.58
N LYS C 461 32.61 1.89 -12.82
CA LYS C 461 31.83 2.69 -13.77
C LYS C 461 30.34 2.39 -13.64
N PRO C 462 29.49 3.43 -13.68
CA PRO C 462 28.04 3.24 -13.56
C PRO C 462 27.44 2.33 -14.62
N TRP C 463 26.46 1.54 -14.24
CA TRP C 463 25.81 0.65 -15.20
C TRP C 463 24.81 1.44 -16.03
N VAL C 464 24.37 0.83 -17.13
CA VAL C 464 23.42 1.43 -18.06
C VAL C 464 22.09 0.71 -17.89
N GLN C 465 20.99 1.40 -18.14
CA GLN C 465 19.67 0.81 -17.97
C GLN C 465 18.94 0.51 -19.28
N ALA C 466 18.18 -0.57 -19.29
CA ALA C 466 17.40 -0.98 -20.45
C ALA C 466 15.96 -1.23 -19.99
N GLY C 467 15.06 -0.36 -20.41
CA GLY C 467 13.66 -0.50 -20.04
C GLY C 467 12.87 -0.93 -21.25
N ILE C 468 12.13 -2.03 -21.10
CA ILE C 468 11.32 -2.53 -22.21
C ILE C 468 9.87 -2.67 -21.74
N ASP C 469 8.94 -2.21 -22.57
CA ASP C 469 7.53 -2.24 -22.24
C ASP C 469 6.71 -2.81 -23.40
N ALA C 470 5.76 -3.69 -23.08
CA ALA C 470 4.91 -4.30 -24.11
C ALA C 470 3.98 -3.25 -24.72
N SER C 471 3.99 -3.16 -26.05
CA SER C 471 3.15 -2.21 -26.77
C SER C 471 1.65 -2.54 -26.80
N GLY C 472 0.84 -1.64 -26.23
CA GLY C 472 -0.62 -1.78 -26.18
C GLY C 472 -1.14 -3.16 -25.82
N LEU C 473 -0.49 -3.76 -24.83
CA LEU C 473 -0.79 -5.10 -24.33
C LEU C 473 -2.25 -5.61 -24.34
N GLU C 474 -3.06 -5.13 -23.40
CA GLU C 474 -4.45 -5.59 -23.32
C GLU C 474 -5.35 -5.33 -24.51
N LEU C 475 -5.07 -4.28 -25.28
CA LEU C 475 -5.86 -4.01 -26.48
C LEU C 475 -5.53 -5.07 -27.55
N ARG C 476 -4.29 -5.57 -27.52
CA ARG C 476 -3.86 -6.61 -28.46
C ARG C 476 -4.45 -7.95 -28.02
N CYS C 477 -4.67 -8.10 -26.71
CA CYS C 477 -5.28 -9.30 -26.16
C CYS C 477 -6.75 -9.30 -26.59
N LEU C 478 -7.35 -8.11 -26.67
CA LEU C 478 -8.75 -7.94 -27.09
C LEU C 478 -8.83 -8.31 -28.56
N ALA C 479 -7.87 -7.84 -29.34
CA ALA C 479 -7.80 -8.09 -30.78
C ALA C 479 -7.73 -9.59 -31.05
N HIS C 480 -7.01 -10.30 -30.19
CA HIS C 480 -6.85 -11.75 -30.29
C HIS C 480 -8.18 -12.47 -30.08
N PHE C 481 -8.80 -12.22 -28.93
CA PHE C 481 -10.07 -12.85 -28.59
C PHE C 481 -11.27 -12.49 -29.47
N MET C 482 -11.30 -11.28 -30.02
CA MET C 482 -12.42 -10.94 -30.90
C MET C 482 -12.16 -11.23 -32.38
N ALA C 483 -11.03 -11.89 -32.65
CA ALA C 483 -10.64 -12.27 -33.99
C ALA C 483 -11.60 -13.31 -34.60
N ARG C 484 -12.24 -14.11 -33.75
CA ARG C 484 -13.18 -15.11 -34.24
C ARG C 484 -14.47 -14.43 -34.72
N PHE C 485 -14.68 -13.20 -34.24
CA PHE C 485 -15.85 -12.41 -34.59
C PHE C 485 -15.63 -11.44 -35.76
N ASP C 486 -14.44 -10.84 -35.86
CA ASP C 486 -14.17 -9.90 -36.95
C ASP C 486 -13.10 -10.34 -37.94
N ASN C 487 -12.65 -11.59 -37.79
CA ASN C 487 -11.62 -12.18 -38.64
C ASN C 487 -10.24 -11.50 -38.62
N GLY C 488 -9.85 -11.03 -37.44
CA GLY C 488 -8.56 -10.37 -37.28
C GLY C 488 -8.47 -8.97 -37.83
N GLU C 489 -9.62 -8.34 -38.02
CA GLU C 489 -9.72 -6.99 -38.55
C GLU C 489 -9.12 -5.97 -37.57
N TYR C 490 -9.48 -6.07 -36.29
CA TYR C 490 -8.95 -5.15 -35.30
C TYR C 490 -7.45 -5.39 -35.08
N ALA C 491 -7.03 -6.65 -35.18
CA ALA C 491 -5.63 -7.03 -35.00
C ALA C 491 -4.72 -6.40 -36.06
N HIS C 492 -5.30 -6.08 -37.21
CA HIS C 492 -4.57 -5.46 -38.30
C HIS C 492 -4.61 -3.95 -38.13
N GLU C 493 -5.78 -3.43 -37.78
CA GLU C 493 -5.99 -1.99 -37.57
C GLU C 493 -5.20 -1.46 -36.39
N ILE C 494 -5.06 -2.28 -35.35
CA ILE C 494 -4.37 -1.89 -34.13
C ILE C 494 -2.90 -1.50 -34.33
N LEU C 495 -2.24 -2.10 -35.31
CA LEU C 495 -0.85 -1.77 -35.57
C LEU C 495 -0.63 -0.75 -36.69
N ASN C 496 -1.68 0.01 -37.00
CA ASN C 496 -1.63 1.06 -38.01
C ASN C 496 -1.26 2.28 -37.19
N GLY C 497 0.04 2.38 -36.88
CA GLY C 497 0.54 3.47 -36.06
C GLY C 497 0.28 3.07 -34.61
N ASP C 498 0.46 4.01 -33.68
CA ASP C 498 0.20 3.69 -32.27
C ASP C 498 -1.30 3.79 -32.02
N ILE C 499 -1.86 2.79 -31.35
CA ILE C 499 -3.29 2.75 -31.06
C ILE C 499 -3.73 3.86 -30.10
N HIS C 500 -2.91 4.13 -29.09
CA HIS C 500 -3.25 5.16 -28.12
C HIS C 500 -3.17 6.57 -28.66
N THR C 501 -2.25 6.81 -29.58
CA THR C 501 -2.11 8.14 -30.19
C THR C 501 -3.22 8.29 -31.22
N LYS C 502 -3.63 7.19 -31.85
CA LYS C 502 -4.70 7.20 -32.84
C LYS C 502 -6.06 7.43 -32.17
N ASN C 503 -6.22 6.86 -30.98
CA ASN C 503 -7.46 7.01 -30.20
C ASN C 503 -7.54 8.39 -29.54
N GLN C 504 -6.39 8.87 -29.07
CA GLN C 504 -6.29 10.18 -28.42
C GLN C 504 -6.88 11.25 -29.33
N ILE C 505 -6.37 11.32 -30.56
CA ILE C 505 -6.80 12.28 -31.58
C ILE C 505 -8.28 12.12 -31.93
N ALA C 506 -8.68 10.88 -32.18
CA ALA C 506 -10.05 10.54 -32.53
C ALA C 506 -11.05 10.97 -31.46
N ALA C 507 -10.66 10.80 -30.19
CA ALA C 507 -11.51 11.15 -29.06
C ALA C 507 -11.32 12.59 -28.61
N GLU C 508 -10.35 13.28 -29.21
CA GLU C 508 -10.03 14.67 -28.91
C GLU C 508 -9.55 14.84 -27.45
N LEU C 509 -8.58 14.01 -27.08
CA LEU C 509 -8.01 14.02 -25.74
C LEU C 509 -6.67 14.75 -25.70
N PRO C 510 -6.36 15.41 -24.56
CA PRO C 510 -5.12 16.17 -24.36
C PRO C 510 -3.81 15.37 -24.37
N THR C 511 -3.80 14.20 -23.74
CA THR C 511 -2.61 13.36 -23.68
C THR C 511 -2.84 11.93 -24.14
N ARG C 512 -1.74 11.20 -24.32
CA ARG C 512 -1.77 9.82 -24.75
C ARG C 512 -2.08 8.95 -23.54
N ASP C 513 -1.71 9.44 -22.37
CA ASP C 513 -1.95 8.73 -21.11
C ASP C 513 -3.45 8.77 -20.84
N ASN C 514 -4.08 9.89 -21.18
CA ASN C 514 -5.51 10.08 -20.99
C ASN C 514 -6.30 9.19 -21.95
N ALA C 515 -5.70 8.87 -23.10
CA ALA C 515 -6.34 8.01 -24.10
C ALA C 515 -6.32 6.57 -23.62
N LYS C 516 -5.25 6.22 -22.90
CA LYS C 516 -5.07 4.88 -22.35
C LYS C 516 -6.10 4.62 -21.26
N THR C 517 -6.20 5.54 -20.31
CA THR C 517 -7.16 5.43 -19.22
C THR C 517 -8.60 5.46 -19.76
N PHE C 518 -8.78 6.17 -20.88
CA PHE C 518 -10.09 6.27 -21.51
C PHE C 518 -10.50 4.96 -22.18
N ILE C 519 -9.62 4.43 -23.01
CA ILE C 519 -9.88 3.20 -23.75
C ILE C 519 -10.10 1.99 -22.85
N TYR C 520 -9.34 1.90 -21.75
CA TYR C 520 -9.49 0.77 -20.83
C TYR C 520 -10.69 0.98 -19.92
N GLY C 521 -11.01 2.23 -19.61
CA GLY C 521 -12.15 2.53 -18.78
C GLY C 521 -13.39 2.09 -19.55
N PHE C 522 -13.44 2.49 -20.81
CA PHE C 522 -14.52 2.17 -21.74
C PHE C 522 -14.66 0.66 -21.96
N LEU C 523 -13.58 0.05 -22.44
CA LEU C 523 -13.55 -1.37 -22.73
C LEU C 523 -14.07 -2.22 -21.56
N TYR C 524 -13.73 -1.82 -20.34
CA TYR C 524 -14.15 -2.57 -19.15
C TYR C 524 -15.44 -2.14 -18.44
N GLY C 525 -16.37 -1.60 -19.22
CA GLY C 525 -17.67 -1.20 -18.70
C GLY C 525 -17.89 0.04 -17.84
N ALA C 526 -17.13 1.10 -18.07
CA ALA C 526 -17.33 2.32 -17.30
C ALA C 526 -18.62 3.00 -17.74
N GLY C 527 -19.33 3.59 -16.79
CA GLY C 527 -20.58 4.26 -17.09
C GLY C 527 -20.31 5.56 -17.83
N ASP C 528 -21.36 6.22 -18.30
CA ASP C 528 -21.21 7.47 -19.03
C ASP C 528 -20.51 8.55 -18.21
N GLU C 529 -20.94 8.69 -16.96
CA GLU C 529 -20.37 9.68 -16.05
C GLU C 529 -18.91 9.37 -15.73
N LYS C 530 -18.58 8.09 -15.59
CA LYS C 530 -17.21 7.67 -15.29
C LYS C 530 -16.30 8.03 -16.46
N ILE C 531 -16.76 7.76 -17.68
CA ILE C 531 -16.01 8.08 -18.90
C ILE C 531 -15.88 9.60 -19.02
N GLY C 532 -16.87 10.31 -18.48
CA GLY C 532 -16.84 11.76 -18.52
C GLY C 532 -15.75 12.27 -17.59
N GLN C 533 -15.68 11.70 -16.40
CA GLN C 533 -14.68 12.10 -15.40
C GLN C 533 -13.27 11.91 -15.93
N ILE C 534 -13.02 10.76 -16.58
CA ILE C 534 -11.71 10.44 -17.15
C ILE C 534 -11.25 11.51 -18.16
N VAL C 535 -12.16 11.90 -19.05
CA VAL C 535 -11.86 12.89 -20.09
C VAL C 535 -12.06 14.36 -19.72
N GLY C 536 -12.63 14.62 -18.55
CA GLY C 536 -12.86 15.98 -18.12
C GLY C 536 -14.09 16.61 -18.75
N ALA C 537 -15.19 15.85 -18.77
CA ALA C 537 -16.46 16.28 -19.36
C ALA C 537 -17.62 15.64 -18.57
N GLY C 538 -18.83 15.61 -19.16
CA GLY C 538 -19.97 15.04 -18.46
C GLY C 538 -20.50 13.72 -19.00
N LYS C 539 -21.66 13.31 -18.51
CA LYS C 539 -22.31 12.07 -18.92
C LYS C 539 -22.72 12.12 -20.40
N GLU C 540 -22.92 13.33 -20.91
CA GLU C 540 -23.31 13.55 -22.31
C GLU C 540 -22.17 13.11 -23.23
N ARG C 541 -20.99 13.63 -22.95
CA ARG C 541 -19.78 13.33 -23.72
C ARG C 541 -19.45 11.85 -23.51
N GLY C 542 -19.80 11.34 -22.34
CA GLY C 542 -19.55 9.95 -21.99
C GLY C 542 -20.28 9.02 -22.96
N LYS C 543 -21.58 9.26 -23.16
CA LYS C 543 -22.38 8.44 -24.07
C LYS C 543 -21.85 8.50 -25.49
N GLU C 544 -21.50 9.72 -25.93
CA GLU C 544 -20.96 9.95 -27.27
C GLU C 544 -19.74 9.10 -27.53
N LEU C 545 -18.77 9.19 -26.62
CA LEU C 545 -17.52 8.45 -26.72
C LEU C 545 -17.69 6.92 -26.64
N LYS C 546 -18.61 6.48 -25.79
CA LYS C 546 -18.89 5.07 -25.61
C LYS C 546 -19.44 4.43 -26.89
N LYS C 547 -20.47 5.05 -27.46
CA LYS C 547 -21.11 4.53 -28.67
C LYS C 547 -20.25 4.75 -29.93
N LYS C 548 -19.39 5.76 -29.88
CA LYS C 548 -18.50 6.10 -30.98
C LYS C 548 -17.46 4.98 -31.16
N PHE C 549 -16.87 4.55 -30.05
CA PHE C 549 -15.86 3.48 -30.07
C PHE C 549 -16.43 2.06 -30.15
N LEU C 550 -17.64 1.87 -29.61
CA LEU C 550 -18.29 0.56 -29.63
C LEU C 550 -18.89 0.28 -31.01
N GLU C 551 -19.20 1.34 -31.76
CA GLU C 551 -19.77 1.20 -33.09
C GLU C 551 -18.66 0.91 -34.10
N ASN C 552 -17.45 1.41 -33.82
CA ASN C 552 -16.29 1.20 -34.69
C ASN C 552 -15.86 -0.27 -34.65
N THR C 553 -15.84 -0.84 -33.44
CA THR C 553 -15.48 -2.24 -33.26
C THR C 553 -16.64 -2.94 -32.53
N PRO C 554 -17.74 -3.26 -33.26
CA PRO C 554 -18.91 -3.92 -32.69
C PRO C 554 -18.68 -5.36 -32.20
N ALA C 555 -17.51 -5.92 -32.50
CA ALA C 555 -17.18 -7.28 -32.07
C ALA C 555 -16.92 -7.29 -30.56
N ILE C 556 -16.81 -6.12 -29.95
CA ILE C 556 -16.59 -6.03 -28.52
C ILE C 556 -17.85 -6.54 -27.83
N ALA C 557 -19.02 -6.17 -28.37
CA ALA C 557 -20.31 -6.60 -27.84
C ALA C 557 -20.50 -8.11 -27.96
N ALA C 558 -20.15 -8.66 -29.12
CA ALA C 558 -20.25 -10.10 -29.36
C ALA C 558 -19.32 -10.88 -28.43
N LEU C 559 -18.14 -10.33 -28.18
CA LEU C 559 -17.17 -10.98 -27.28
C LEU C 559 -17.68 -11.01 -25.85
N ARG C 560 -18.22 -9.89 -25.39
CA ARG C 560 -18.76 -9.78 -24.03
C ARG C 560 -19.92 -10.76 -23.82
N GLU C 561 -20.80 -10.84 -24.81
CA GLU C 561 -21.97 -11.72 -24.76
C GLU C 561 -21.60 -13.20 -24.68
N SER C 562 -20.61 -13.63 -25.48
CA SER C 562 -20.19 -15.01 -25.48
C SER C 562 -19.59 -15.38 -24.13
N ILE C 563 -18.92 -14.42 -23.50
CA ILE C 563 -18.30 -14.61 -22.19
C ILE C 563 -19.41 -14.86 -21.17
N GLN C 564 -20.50 -14.09 -21.28
CA GLN C 564 -21.66 -14.20 -20.40
C GLN C 564 -22.39 -15.52 -20.54
N GLN C 565 -22.60 -15.94 -21.79
CA GLN C 565 -23.28 -17.21 -22.07
C GLN C 565 -22.45 -18.37 -21.55
N THR C 566 -21.14 -18.20 -21.48
CA THR C 566 -20.24 -19.23 -21.01
C THR C 566 -20.15 -19.26 -19.47
N LEU C 567 -20.24 -18.09 -18.84
CA LEU C 567 -20.13 -18.00 -17.39
C LEU C 567 -21.41 -17.94 -16.55
N VAL C 568 -22.41 -17.18 -17.02
CA VAL C 568 -23.68 -16.99 -16.31
C VAL C 568 -24.92 -17.66 -16.92
N GLU C 569 -25.79 -18.18 -16.05
CA GLU C 569 -27.04 -18.82 -16.47
C GLU C 569 -28.22 -18.26 -15.67
N LYS C 581 -27.28 -17.90 -12.69
CA LYS C 581 -26.30 -18.17 -11.65
C LYS C 581 -24.98 -18.51 -12.37
N TRP C 582 -24.10 -19.28 -11.75
CA TRP C 582 -22.84 -19.59 -12.41
C TRP C 582 -22.85 -20.93 -13.08
N LYS C 583 -22.57 -20.90 -14.37
CA LYS C 583 -22.50 -22.06 -15.21
C LYS C 583 -21.09 -22.61 -14.96
N ARG C 584 -20.13 -21.70 -14.87
CA ARG C 584 -18.71 -21.97 -14.60
C ARG C 584 -18.17 -20.67 -14.04
N ARG C 585 -17.44 -20.73 -12.92
CA ARG C 585 -16.92 -19.51 -12.36
C ARG C 585 -15.58 -19.05 -12.90
N TRP C 586 -14.71 -19.99 -13.29
CA TRP C 586 -13.40 -19.64 -13.84
C TRP C 586 -13.30 -19.59 -15.36
N ILE C 587 -12.22 -18.96 -15.81
CA ILE C 587 -11.85 -18.79 -17.22
C ILE C 587 -10.58 -19.62 -17.37
N LYS C 588 -10.40 -20.28 -18.51
CA LYS C 588 -9.18 -21.07 -18.73
C LYS C 588 -8.10 -20.14 -19.24
N GLY C 589 -7.01 -20.03 -18.48
CA GLY C 589 -5.90 -19.18 -18.87
C GLY C 589 -5.08 -19.71 -20.03
N LEU C 590 -4.24 -18.84 -20.60
CA LEU C 590 -3.38 -19.19 -21.74
C LEU C 590 -2.47 -20.38 -21.45
N ASP C 591 -2.10 -20.59 -20.19
CA ASP C 591 -1.25 -21.72 -19.83
C ASP C 591 -2.06 -22.86 -19.21
N GLY C 592 -3.39 -22.77 -19.35
CA GLY C 592 -4.29 -23.79 -18.85
C GLY C 592 -4.90 -23.63 -17.46
N ARG C 593 -4.33 -22.75 -16.65
CA ARG C 593 -4.80 -22.50 -15.28
C ARG C 593 -6.24 -22.00 -15.17
N LYS C 594 -6.81 -22.13 -13.98
CA LYS C 594 -8.16 -21.65 -13.71
C LYS C 594 -8.01 -20.20 -13.26
N VAL C 595 -8.71 -19.28 -13.91
CA VAL C 595 -8.65 -17.88 -13.53
C VAL C 595 -10.03 -17.50 -12.98
N HIS C 596 -10.11 -17.42 -11.66
CA HIS C 596 -11.35 -17.09 -10.95
C HIS C 596 -12.02 -15.77 -11.37
N VAL C 597 -13.29 -15.84 -11.75
CA VAL C 597 -14.03 -14.63 -12.13
C VAL C 597 -14.83 -14.17 -10.92
N ARG C 598 -14.56 -12.94 -10.47
CA ARG C 598 -15.23 -12.36 -9.31
C ARG C 598 -16.64 -11.84 -9.59
N SER C 599 -16.81 -11.13 -10.69
CA SER C 599 -18.10 -10.57 -11.05
C SER C 599 -18.33 -10.59 -12.56
N PRO C 600 -19.60 -10.79 -12.99
CA PRO C 600 -19.97 -10.84 -14.40
C PRO C 600 -19.55 -9.62 -15.21
N HIS C 601 -19.55 -8.45 -14.59
CA HIS C 601 -19.18 -7.22 -15.29
C HIS C 601 -17.66 -7.01 -15.42
N ALA C 602 -16.89 -7.78 -14.67
CA ALA C 602 -15.43 -7.69 -14.72
C ALA C 602 -14.83 -8.93 -15.40
N ALA C 603 -15.69 -9.71 -16.06
CA ALA C 603 -15.27 -10.94 -16.75
C ALA C 603 -14.40 -10.69 -17.96
N LEU C 604 -14.66 -9.61 -18.70
CA LEU C 604 -13.84 -9.30 -19.87
C LEU C 604 -12.47 -8.85 -19.36
N ASN C 605 -12.46 -8.12 -18.24
CA ASN C 605 -11.23 -7.63 -17.63
C ASN C 605 -10.42 -8.82 -17.10
N THR C 606 -11.11 -9.84 -16.61
CA THR C 606 -10.45 -11.04 -16.10
C THR C 606 -9.76 -11.75 -17.27
N LEU C 607 -10.49 -11.87 -18.38
CA LEU C 607 -9.98 -12.53 -19.57
C LEU C 607 -8.78 -11.81 -20.18
N LEU C 608 -8.93 -10.50 -20.38
CA LEU C 608 -7.87 -9.69 -20.97
C LEU C 608 -6.67 -9.40 -20.06
N GLN C 609 -6.94 -9.05 -18.80
CA GLN C 609 -5.84 -8.76 -17.88
C GLN C 609 -5.04 -10.02 -17.57
N SER C 610 -5.71 -11.17 -17.61
CA SER C 610 -5.01 -12.44 -17.35
C SER C 610 -4.14 -12.81 -18.54
N ALA C 611 -4.65 -12.59 -19.75
CA ALA C 611 -3.91 -12.89 -20.97
C ALA C 611 -2.64 -12.05 -21.03
N GLY C 612 -2.76 -10.76 -20.74
CA GLY C 612 -1.60 -9.87 -20.76
C GLY C 612 -0.60 -10.24 -19.69
N ALA C 613 -1.11 -10.63 -18.52
CA ALA C 613 -0.26 -11.03 -17.39
C ALA C 613 0.52 -12.30 -17.64
N LEU C 614 -0.13 -13.30 -18.21
CA LEU C 614 0.53 -14.58 -18.49
C LEU C 614 1.53 -14.44 -19.65
N ILE C 615 1.18 -13.58 -20.62
CA ILE C 615 2.02 -13.30 -21.78
C ILE C 615 3.30 -12.64 -21.26
N CYS C 616 3.14 -11.64 -20.40
CA CYS C 616 4.27 -10.93 -19.83
C CYS C 616 5.10 -11.78 -18.90
N LYS C 617 4.45 -12.71 -18.21
CA LYS C 617 5.14 -13.58 -17.28
C LYS C 617 6.06 -14.55 -18.05
N LEU C 618 5.56 -15.11 -19.15
CA LEU C 618 6.34 -16.03 -19.98
C LEU C 618 7.41 -15.22 -20.72
N TRP C 619 7.09 -13.96 -20.99
CA TRP C 619 7.99 -13.03 -21.67
C TRP C 619 9.28 -12.76 -20.87
N ILE C 620 9.14 -12.42 -19.59
CA ILE C 620 10.32 -12.12 -18.75
C ILE C 620 11.19 -13.35 -18.52
N ILE C 621 10.55 -14.52 -18.52
CA ILE C 621 11.23 -15.81 -18.33
C ILE C 621 12.04 -16.14 -19.59
N LYS C 622 11.41 -15.97 -20.75
CA LYS C 622 12.05 -16.27 -22.02
C LYS C 622 13.18 -15.31 -22.34
N THR C 623 12.99 -14.04 -21.99
CA THR C 623 13.98 -13.00 -22.23
C THR C 623 15.28 -13.36 -21.50
N GLU C 624 15.19 -13.63 -20.20
CA GLU C 624 16.36 -13.98 -19.42
C GLU C 624 17.03 -15.25 -19.94
N GLU C 625 16.24 -16.24 -20.32
CA GLU C 625 16.75 -17.51 -20.84
C GLU C 625 17.51 -17.33 -22.16
N MET C 626 17.02 -16.42 -23.01
CA MET C 626 17.68 -16.14 -24.29
C MET C 626 19.00 -15.42 -24.04
N LEU C 627 19.00 -14.48 -23.11
CA LEU C 627 20.21 -13.72 -22.75
C LEU C 627 21.26 -14.68 -22.24
N VAL C 628 20.85 -15.58 -21.35
CA VAL C 628 21.76 -16.57 -20.76
C VAL C 628 22.36 -17.51 -21.82
N GLU C 629 21.57 -17.91 -22.82
CA GLU C 629 22.08 -18.80 -23.87
C GLU C 629 22.93 -18.04 -24.90
N LYS C 630 23.04 -16.73 -24.71
CA LYS C 630 23.84 -15.85 -25.56
C LYS C 630 25.14 -15.53 -24.84
N GLY C 631 25.40 -16.25 -23.75
CA GLY C 631 26.61 -16.05 -22.95
C GLY C 631 26.52 -15.06 -21.81
N LEU C 632 25.44 -14.28 -21.77
CA LEU C 632 25.24 -13.27 -20.71
C LEU C 632 24.96 -13.85 -19.32
N LYS C 633 25.57 -13.24 -18.31
CA LYS C 633 25.39 -13.68 -16.92
C LYS C 633 24.52 -12.71 -16.12
N HIS C 634 23.61 -13.30 -15.35
CA HIS C 634 22.68 -12.54 -14.52
C HIS C 634 23.26 -12.30 -13.13
N GLY C 635 23.46 -11.02 -12.79
CA GLY C 635 24.00 -10.64 -11.51
C GLY C 635 24.87 -9.40 -11.63
N TRP C 636 25.16 -8.76 -10.50
CA TRP C 636 26.00 -7.56 -10.49
C TRP C 636 27.45 -7.93 -10.79
N ASP C 637 27.79 -9.20 -10.61
CA ASP C 637 29.13 -9.72 -10.88
C ASP C 637 29.13 -10.32 -12.30
N GLY C 638 28.12 -9.94 -13.08
CA GLY C 638 27.98 -10.45 -14.43
C GLY C 638 27.81 -9.37 -15.47
N ASP C 639 26.83 -9.55 -16.34
CA ASP C 639 26.53 -8.63 -17.44
C ASP C 639 25.23 -7.84 -17.34
N PHE C 640 24.19 -8.43 -16.76
CA PHE C 640 22.90 -7.76 -16.62
C PHE C 640 22.26 -8.14 -15.29
N ALA C 641 21.24 -7.38 -14.89
CA ALA C 641 20.54 -7.64 -13.63
C ALA C 641 19.14 -7.05 -13.63
N TYR C 642 18.14 -7.91 -13.47
CA TYR C 642 16.74 -7.50 -13.40
C TYR C 642 16.59 -6.65 -12.14
N MET C 643 16.05 -5.45 -12.30
CA MET C 643 15.84 -4.54 -11.18
C MET C 643 14.36 -4.38 -10.83
N ALA C 644 13.50 -4.46 -11.85
CA ALA C 644 12.06 -4.34 -11.63
C ALA C 644 11.22 -4.87 -12.78
N TRP C 645 10.06 -5.41 -12.41
CA TRP C 645 9.07 -5.94 -13.35
C TRP C 645 7.75 -5.32 -12.92
N VAL C 646 7.27 -4.38 -13.73
CA VAL C 646 6.02 -3.68 -13.44
C VAL C 646 4.95 -4.03 -14.48
N HIS C 647 4.34 -5.20 -14.27
CA HIS C 647 3.28 -5.74 -15.12
C HIS C 647 3.70 -6.11 -16.54
N ASP C 648 3.86 -5.13 -17.42
CA ASP C 648 4.29 -5.43 -18.78
C ASP C 648 5.58 -4.71 -19.12
N GLU C 649 6.38 -4.42 -18.10
CA GLU C 649 7.65 -3.74 -18.33
C GLU C 649 8.73 -4.23 -17.39
N ILE C 650 9.94 -4.25 -17.93
CA ILE C 650 11.11 -4.66 -17.17
C ILE C 650 12.16 -3.58 -17.28
N GLN C 651 12.88 -3.40 -16.19
CA GLN C 651 13.97 -2.44 -16.11
C GLN C 651 15.15 -3.33 -15.73
N VAL C 652 16.11 -3.41 -16.64
CA VAL C 652 17.31 -4.24 -16.45
C VAL C 652 18.60 -3.41 -16.43
N GLY C 653 19.43 -3.65 -15.42
CA GLY C 653 20.71 -2.96 -15.32
C GLY C 653 21.68 -3.70 -16.25
N CYS C 654 22.52 -2.98 -16.98
CA CYS C 654 23.47 -3.60 -17.91
C CYS C 654 24.87 -3.03 -17.71
N ARG C 655 25.87 -3.92 -17.64
CA ARG C 655 27.24 -3.47 -17.43
C ARG C 655 27.75 -2.51 -18.51
N THR C 656 27.29 -2.70 -19.75
CA THR C 656 27.69 -1.83 -20.86
C THR C 656 26.50 -1.47 -21.75
N GLU C 657 26.68 -0.47 -22.60
CA GLU C 657 25.63 -0.03 -23.53
C GLU C 657 25.38 -1.08 -24.59
N GLU C 658 26.44 -1.79 -24.96
CA GLU C 658 26.40 -2.86 -25.95
C GLU C 658 25.45 -3.95 -25.42
N ILE C 659 25.60 -4.30 -24.15
CA ILE C 659 24.78 -5.31 -23.48
C ILE C 659 23.34 -4.82 -23.39
N ALA C 660 23.14 -3.53 -23.14
CA ALA C 660 21.80 -2.96 -23.05
C ALA C 660 21.08 -3.04 -24.39
N GLN C 661 21.82 -2.83 -25.49
CA GLN C 661 21.23 -2.88 -26.83
C GLN C 661 20.73 -4.31 -27.09
N VAL C 662 21.50 -5.30 -26.64
CA VAL C 662 21.14 -6.71 -26.82
C VAL C 662 19.94 -7.11 -25.95
N VAL C 663 19.87 -6.61 -24.72
CA VAL C 663 18.76 -6.91 -23.82
C VAL C 663 17.45 -6.41 -24.44
N ILE C 664 17.52 -5.25 -25.06
CA ILE C 664 16.38 -4.63 -25.72
C ILE C 664 15.95 -5.44 -26.96
N GLU C 665 16.92 -5.94 -27.71
CA GLU C 665 16.64 -6.73 -28.91
C GLU C 665 16.13 -8.12 -28.55
N THR C 666 16.72 -8.69 -27.49
CA THR C 666 16.33 -10.01 -27.00
C THR C 666 14.91 -10.00 -26.46
N ALA C 667 14.54 -8.91 -25.79
CA ALA C 667 13.19 -8.76 -25.23
C ALA C 667 12.13 -8.71 -26.34
N GLN C 668 12.50 -8.13 -27.48
CA GLN C 668 11.59 -8.05 -28.63
C GLN C 668 11.43 -9.45 -29.24
N GLU C 669 12.53 -10.21 -29.29
CA GLU C 669 12.52 -11.56 -29.84
C GLU C 669 11.72 -12.50 -28.94
N ALA C 670 11.83 -12.29 -27.64
CA ALA C 670 11.13 -13.11 -26.65
C ALA C 670 9.64 -12.87 -26.66
N MET C 671 9.23 -11.64 -27.01
CA MET C 671 7.82 -11.32 -27.07
C MET C 671 7.20 -11.95 -28.30
N ARG C 672 7.93 -11.92 -29.42
CA ARG C 672 7.45 -12.52 -30.67
C ARG C 672 7.37 -14.03 -30.50
N TRP C 673 8.31 -14.57 -29.72
CA TRP C 673 8.35 -15.99 -29.42
C TRP C 673 7.11 -16.38 -28.60
N VAL C 674 6.80 -15.59 -27.57
CA VAL C 674 5.64 -15.83 -26.71
C VAL C 674 4.35 -15.85 -27.54
N GLY C 675 4.21 -14.88 -28.43
CA GLY C 675 3.03 -14.80 -29.27
C GLY C 675 2.85 -16.04 -30.16
N ASP C 676 3.94 -16.53 -30.72
CA ASP C 676 3.89 -17.71 -31.58
C ASP C 676 3.63 -18.96 -30.75
N HIS C 677 4.12 -18.94 -29.51
CA HIS C 677 3.98 -20.05 -28.56
C HIS C 677 2.52 -20.37 -28.29
N TRP C 678 1.73 -19.34 -28.03
CA TRP C 678 0.32 -19.51 -27.75
C TRP C 678 -0.60 -19.24 -28.95
N ASN C 679 -0.01 -19.21 -30.14
CA ASN C 679 -0.74 -18.97 -31.38
C ASN C 679 -1.67 -17.77 -31.34
N PHE C 680 -1.14 -16.63 -30.88
CA PHE C 680 -1.91 -15.41 -30.78
C PHE C 680 -2.33 -14.91 -32.17
N ARG C 681 -3.55 -14.38 -32.23
CA ARG C 681 -4.13 -13.87 -33.46
C ARG C 681 -3.75 -12.41 -33.68
N CYS C 682 -2.92 -11.88 -32.79
CA CYS C 682 -2.45 -10.51 -32.90
C CYS C 682 -0.95 -10.51 -32.60
N LEU C 683 -0.21 -9.80 -33.44
CA LEU C 683 1.23 -9.69 -33.31
C LEU C 683 1.58 -8.89 -32.04
N LEU C 684 2.45 -9.46 -31.21
CA LEU C 684 2.88 -8.81 -29.98
C LEU C 684 4.21 -8.08 -30.20
N ASP C 685 4.32 -6.87 -29.65
CA ASP C 685 5.52 -6.05 -29.79
C ASP C 685 5.93 -5.36 -28.48
N THR C 686 7.16 -4.85 -28.45
CA THR C 686 7.67 -4.14 -27.28
C THR C 686 8.35 -2.86 -27.76
N GLU C 687 8.61 -1.96 -26.82
CA GLU C 687 9.28 -0.70 -27.10
C GLU C 687 10.40 -0.63 -26.05
N GLY C 688 11.64 -0.55 -26.53
CA GLY C 688 12.79 -0.48 -25.64
C GLY C 688 13.44 0.88 -25.55
N LYS C 689 14.01 1.19 -24.39
CA LYS C 689 14.68 2.46 -24.14
C LYS C 689 15.96 2.30 -23.34
N MET C 690 17.04 2.90 -23.83
CA MET C 690 18.32 2.83 -23.13
C MET C 690 18.49 4.16 -22.39
N GLY C 691 19.07 4.12 -21.20
CA GLY C 691 19.26 5.35 -20.45
C GLY C 691 19.90 5.10 -19.10
N PRO C 692 20.24 6.16 -18.35
CA PRO C 692 20.85 5.95 -17.04
C PRO C 692 19.88 5.59 -15.91
N ASN C 693 18.62 5.98 -16.05
CA ASN C 693 17.62 5.72 -15.00
C ASN C 693 16.18 5.54 -15.46
N TRP C 694 15.27 5.36 -14.50
CA TRP C 694 13.86 5.14 -14.79
C TRP C 694 13.13 6.35 -15.38
N ALA C 695 13.59 7.56 -15.09
CA ALA C 695 12.96 8.76 -15.65
C ALA C 695 13.14 8.79 -17.16
N ILE C 696 14.27 8.25 -17.61
CA ILE C 696 14.61 8.21 -19.02
C ILE C 696 14.21 6.91 -19.74
N CYS C 697 14.11 5.81 -19.01
CA CYS C 697 13.75 4.53 -19.61
C CYS C 697 12.27 4.11 -19.59
N HIS C 698 11.38 5.06 -19.34
CA HIS C 698 9.94 4.78 -19.31
C HIS C 698 9.17 6.07 -19.42
N LYS D 3 -25.56 44.60 31.38
CA LYS D 3 -24.41 45.31 31.94
C LYS D 3 -23.12 44.51 31.79
N ILE D 4 -23.09 43.63 30.79
CA ILE D 4 -21.91 42.80 30.54
C ILE D 4 -21.09 43.39 29.41
N ILE D 5 -19.78 43.27 29.54
CA ILE D 5 -18.85 43.75 28.51
C ILE D 5 -18.51 42.53 27.65
N HIS D 6 -19.00 42.55 26.41
CA HIS D 6 -18.74 41.45 25.49
C HIS D 6 -17.43 41.71 24.76
N LEU D 7 -16.42 40.94 25.16
CA LEU D 7 -15.06 41.03 24.62
C LEU D 7 -14.84 40.45 23.23
N THR D 8 -13.71 40.86 22.65
CA THR D 8 -13.25 40.41 21.35
C THR D 8 -11.78 40.15 21.57
N ASP D 9 -11.12 39.49 20.62
CA ASP D 9 -9.70 39.21 20.75
C ASP D 9 -8.91 40.52 20.79
N ASP D 10 -9.26 41.41 19.88
CA ASP D 10 -8.60 42.71 19.75
C ASP D 10 -8.86 43.70 20.88
N SER D 11 -10.00 43.57 21.57
CA SER D 11 -10.31 44.50 22.66
C SER D 11 -9.89 43.96 24.03
N PHE D 12 -9.63 42.66 24.10
CA PHE D 12 -9.25 42.01 25.35
C PHE D 12 -8.11 42.65 26.15
N ASP D 13 -6.99 42.95 25.48
CA ASP D 13 -5.82 43.55 26.12
C ASP D 13 -6.15 44.82 26.90
N THR D 14 -6.86 45.74 26.26
CA THR D 14 -7.23 47.00 26.91
C THR D 14 -8.37 46.84 27.92
N ASP D 15 -9.47 46.25 27.47
CA ASP D 15 -10.65 46.04 28.31
C ASP D 15 -10.42 45.18 29.56
N VAL D 16 -9.47 44.25 29.48
CA VAL D 16 -9.19 43.38 30.60
C VAL D 16 -7.85 43.65 31.31
N LEU D 17 -6.76 43.49 30.58
CA LEU D 17 -5.40 43.68 31.12
C LEU D 17 -4.96 45.10 31.50
N LYS D 18 -5.76 46.11 31.17
CA LYS D 18 -5.43 47.49 31.50
C LYS D 18 -6.57 48.20 32.23
N ALA D 19 -7.60 47.43 32.58
CA ALA D 19 -8.79 47.94 33.26
C ALA D 19 -8.60 48.57 34.63
N ASP D 20 -7.59 48.12 35.39
CA ASP D 20 -7.33 48.65 36.74
C ASP D 20 -8.57 48.50 37.63
N GLY D 21 -8.83 47.25 38.00
CA GLY D 21 -9.96 46.91 38.83
C GLY D 21 -10.16 45.41 38.75
N ALA D 22 -11.32 44.94 39.18
CA ALA D 22 -11.62 43.52 39.15
C ALA D 22 -12.53 43.18 37.98
N ILE D 23 -12.06 42.27 37.13
CA ILE D 23 -12.80 41.84 35.93
C ILE D 23 -12.96 40.32 35.99
N LEU D 24 -14.20 39.84 35.83
CA LEU D 24 -14.45 38.40 35.82
C LEU D 24 -14.73 38.00 34.38
N VAL D 25 -13.77 37.37 33.74
CA VAL D 25 -13.94 36.92 32.36
C VAL D 25 -14.45 35.49 32.27
N ASP D 26 -15.52 35.32 31.50
CA ASP D 26 -16.15 34.03 31.26
C ASP D 26 -15.85 33.58 29.84
N PHE D 27 -15.01 32.56 29.71
CA PHE D 27 -14.65 32.01 28.40
C PHE D 27 -15.72 30.95 28.15
N TRP D 28 -16.56 31.18 27.14
CA TRP D 28 -17.65 30.26 26.83
C TRP D 28 -17.86 29.89 25.35
N ALA D 29 -18.81 28.99 25.11
CA ALA D 29 -19.16 28.54 23.78
C ALA D 29 -20.64 28.20 23.74
N GLU D 30 -21.31 28.54 22.64
CA GLU D 30 -22.74 28.29 22.46
C GLU D 30 -23.13 26.81 22.49
N TRP D 31 -22.19 25.93 22.19
CA TRP D 31 -22.44 24.49 22.17
C TRP D 31 -22.24 23.77 23.50
N CYS D 32 -21.88 24.52 24.55
CA CYS D 32 -21.67 23.93 25.86
C CYS D 32 -22.89 23.99 26.76
N GLY D 33 -23.18 22.86 27.41
CA GLY D 33 -24.32 22.76 28.32
C GLY D 33 -24.11 23.61 29.56
N PRO D 34 -23.01 23.43 30.29
CA PRO D 34 -22.68 24.19 31.51
C PRO D 34 -22.61 25.71 31.29
N CYS D 35 -22.18 26.12 30.09
CA CYS D 35 -22.07 27.55 29.76
C CYS D 35 -23.44 28.24 29.78
N LYS D 36 -24.44 27.57 29.19
CA LYS D 36 -25.79 28.10 29.13
C LYS D 36 -26.42 28.20 30.53
N MET D 37 -25.94 27.36 31.45
CA MET D 37 -26.42 27.35 32.83
C MET D 37 -25.93 28.54 33.63
N ILE D 38 -24.63 28.80 33.56
CA ILE D 38 -24.03 29.90 34.30
C ILE D 38 -24.27 31.28 33.70
N ALA D 39 -24.74 31.34 32.45
CA ALA D 39 -25.00 32.61 31.77
C ALA D 39 -25.97 33.53 32.53
N PRO D 40 -27.18 33.04 32.88
CA PRO D 40 -28.16 33.86 33.61
C PRO D 40 -27.65 34.28 34.99
N ILE D 41 -26.81 33.46 35.61
CA ILE D 41 -26.24 33.75 36.94
C ILE D 41 -25.31 34.97 36.83
N LEU D 42 -24.54 35.02 35.74
CA LEU D 42 -23.60 36.10 35.48
C LEU D 42 -24.34 37.42 35.31
N ASP D 43 -25.47 37.38 34.59
CA ASP D 43 -26.32 38.54 34.33
C ASP D 43 -26.79 39.27 35.58
N GLU D 44 -26.82 38.55 36.70
CA GLU D 44 -27.26 39.10 37.96
C GLU D 44 -26.09 39.56 38.80
N ILE D 45 -24.99 38.84 38.72
CA ILE D 45 -23.78 39.18 39.47
C ILE D 45 -23.25 40.54 39.00
N ALA D 46 -23.48 40.85 37.72
CA ALA D 46 -23.04 42.11 37.13
C ALA D 46 -23.77 43.29 37.76
N ASP D 47 -25.02 43.08 38.16
CA ASP D 47 -25.81 44.14 38.79
C ASP D 47 -25.43 44.33 40.25
N GLU D 48 -25.33 43.20 40.96
CA GLU D 48 -24.98 43.20 42.38
C GLU D 48 -23.57 43.70 42.68
N TYR D 49 -22.62 43.30 41.84
CA TYR D 49 -21.23 43.68 42.01
C TYR D 49 -20.82 44.91 41.21
N GLN D 50 -21.81 45.65 40.73
CA GLN D 50 -21.57 46.86 39.94
C GLN D 50 -20.97 47.95 40.82
N GLY D 51 -19.65 48.05 40.75
CA GLY D 51 -18.93 49.04 41.54
C GLY D 51 -17.60 48.48 41.98
N LYS D 52 -17.61 47.24 42.46
CA LYS D 52 -16.39 46.59 42.93
C LYS D 52 -15.84 45.51 41.98
N LEU D 53 -16.61 45.22 40.92
CA LEU D 53 -16.22 44.22 39.93
C LEU D 53 -16.95 44.47 38.60
N THR D 54 -16.40 43.90 37.53
CA THR D 54 -16.96 44.02 36.19
C THR D 54 -16.99 42.62 35.57
N VAL D 55 -18.14 42.24 35.01
CA VAL D 55 -18.29 40.94 34.37
C VAL D 55 -18.14 41.07 32.86
N ALA D 56 -17.25 40.26 32.29
CA ALA D 56 -16.97 40.25 30.85
C ALA D 56 -17.10 38.84 30.28
N LYS D 57 -17.50 38.74 29.02
CA LYS D 57 -17.65 37.44 28.37
C LYS D 57 -16.95 37.38 27.02
N LEU D 58 -16.20 36.29 26.81
CA LEU D 58 -15.47 36.08 25.57
C LEU D 58 -15.81 34.71 24.97
N ASN D 59 -16.51 34.74 23.84
CA ASN D 59 -16.92 33.53 23.13
C ASN D 59 -15.71 32.99 22.37
N ILE D 60 -15.24 31.80 22.78
CA ILE D 60 -14.05 31.20 22.16
C ILE D 60 -14.15 30.82 20.68
N ASP D 61 -15.36 30.84 20.13
CA ASP D 61 -15.56 30.52 18.72
C ASP D 61 -15.36 31.73 17.83
N GLN D 62 -15.94 32.86 18.23
CA GLN D 62 -15.83 34.10 17.47
C GLN D 62 -14.47 34.74 17.73
N ASN D 63 -13.90 34.44 18.91
CA ASN D 63 -12.61 34.98 19.31
C ASN D 63 -11.71 33.83 19.73
N PRO D 64 -11.04 33.17 18.77
CA PRO D 64 -10.13 32.04 19.01
C PRO D 64 -8.69 32.29 19.49
N GLY D 65 -8.26 33.54 19.54
CA GLY D 65 -6.90 33.83 19.96
C GLY D 65 -6.57 34.00 21.43
N THR D 66 -7.55 34.42 22.22
CA THR D 66 -7.31 34.64 23.65
C THR D 66 -7.24 33.42 24.58
N ALA D 67 -8.18 32.50 24.45
CA ALA D 67 -8.23 31.30 25.29
C ALA D 67 -6.96 30.46 25.40
N PRO D 68 -6.30 30.13 24.26
CA PRO D 68 -5.07 29.33 24.28
C PRO D 68 -3.98 29.91 25.18
N LYS D 69 -3.89 31.24 25.22
CA LYS D 69 -2.89 31.93 26.05
C LYS D 69 -3.07 31.67 27.55
N TYR D 70 -4.27 31.24 27.94
CA TYR D 70 -4.56 30.95 29.34
C TYR D 70 -4.72 29.47 29.65
N GLY D 71 -4.34 28.64 28.68
CA GLY D 71 -4.41 27.20 28.83
C GLY D 71 -5.77 26.65 29.21
N ILE D 72 -6.77 26.97 28.40
CA ILE D 72 -8.14 26.52 28.62
C ILE D 72 -8.27 25.03 28.30
N ARG D 73 -8.67 24.25 29.30
CA ARG D 73 -8.83 22.81 29.13
C ARG D 73 -10.29 22.42 29.42
N GLY D 74 -11.13 23.41 29.71
CA GLY D 74 -12.54 23.15 30.00
C GLY D 74 -13.36 24.43 30.04
N ILE D 75 -14.65 24.34 29.72
CA ILE D 75 -15.53 25.51 29.74
C ILE D 75 -16.85 25.23 30.49
N PRO D 76 -17.45 26.26 31.12
CA PRO D 76 -16.99 27.65 31.16
C PRO D 76 -15.81 27.88 32.13
N THR D 77 -14.87 28.73 31.71
CA THR D 77 -13.72 29.05 32.54
C THR D 77 -13.91 30.47 33.06
N LEU D 78 -13.95 30.60 34.39
CA LEU D 78 -14.12 31.90 35.02
C LEU D 78 -12.78 32.37 35.54
N LEU D 79 -12.21 33.38 34.88
CA LEU D 79 -10.93 33.95 35.26
C LEU D 79 -11.14 35.33 35.85
N LEU D 80 -10.75 35.50 37.11
CA LEU D 80 -10.88 36.80 37.78
C LEU D 80 -9.58 37.60 37.66
N PHE D 81 -9.58 38.59 36.78
CA PHE D 81 -8.44 39.46 36.52
C PHE D 81 -8.36 40.67 37.45
N LYS D 82 -7.16 40.93 37.95
CA LYS D 82 -6.89 42.05 38.84
C LYS D 82 -5.59 42.70 38.36
N ASN D 83 -5.74 43.79 37.61
CA ASN D 83 -4.61 44.53 37.05
C ASN D 83 -3.74 43.74 36.08
N GLY D 84 -4.39 43.16 35.07
CA GLY D 84 -3.69 42.37 34.06
C GLY D 84 -3.12 41.03 34.49
N GLU D 85 -3.36 40.67 35.75
CA GLU D 85 -2.86 39.42 36.32
C GLU D 85 -4.05 38.55 36.69
N VAL D 86 -3.92 37.24 36.48
CA VAL D 86 -5.00 36.33 36.83
C VAL D 86 -4.93 36.12 38.36
N ALA D 87 -5.95 36.62 39.05
CA ALA D 87 -6.02 36.51 40.51
C ALA D 87 -6.57 35.17 40.99
N ALA D 88 -7.56 34.64 40.26
CA ALA D 88 -8.19 33.37 40.60
C ALA D 88 -8.86 32.76 39.39
N THR D 89 -8.79 31.43 39.28
CA THR D 89 -9.41 30.73 38.15
C THR D 89 -10.35 29.64 38.68
N LYS D 90 -11.50 29.52 38.05
CA LYS D 90 -12.50 28.54 38.46
C LYS D 90 -13.25 27.99 37.23
N VAL D 91 -13.19 26.66 37.03
CA VAL D 91 -13.85 26.02 35.89
C VAL D 91 -15.13 25.26 36.27
N GLY D 92 -16.20 25.54 35.52
CA GLY D 92 -17.47 24.88 35.76
C GLY D 92 -18.63 25.85 35.92
N ALA D 93 -19.85 25.31 35.85
CA ALA D 93 -21.06 26.09 35.99
C ALA D 93 -21.49 26.14 37.46
N LEU D 94 -20.85 27.03 38.21
CA LEU D 94 -21.15 27.19 39.63
C LEU D 94 -22.57 27.74 39.80
N SER D 95 -23.03 27.77 41.05
CA SER D 95 -24.36 28.27 41.36
C SER D 95 -24.21 29.72 41.82
N LYS D 96 -25.34 30.40 41.96
CA LYS D 96 -25.38 31.79 42.40
C LYS D 96 -24.59 31.97 43.70
N GLY D 97 -24.73 30.98 44.61
CA GLY D 97 -24.04 31.03 45.88
C GLY D 97 -22.55 30.78 45.79
N GLN D 98 -22.17 29.83 44.94
CA GLN D 98 -20.76 29.48 44.76
C GLN D 98 -19.95 30.62 44.12
N LEU D 99 -20.59 31.38 43.25
CA LEU D 99 -19.93 32.49 42.58
C LEU D 99 -19.84 33.63 43.61
N LYS D 100 -20.92 33.83 44.36
CA LYS D 100 -20.97 34.88 45.39
C LYS D 100 -19.82 34.69 46.39
N GLU D 101 -19.61 33.45 46.84
CA GLU D 101 -18.52 33.12 47.77
C GLU D 101 -17.19 33.50 47.14
N PHE D 102 -16.91 32.84 46.01
CA PHE D 102 -15.69 33.01 45.21
C PHE D 102 -15.31 34.49 44.97
N LEU D 103 -16.30 35.30 44.62
CA LEU D 103 -16.06 36.71 44.37
C LEU D 103 -15.69 37.47 45.65
N ASP D 104 -16.52 37.31 46.68
CA ASP D 104 -16.30 37.97 47.97
C ASP D 104 -14.96 37.60 48.60
N ALA D 105 -14.60 36.32 48.51
CA ALA D 105 -13.36 35.80 49.07
C ALA D 105 -12.12 36.32 48.35
N ASN D 106 -12.24 36.52 47.04
CA ASN D 106 -11.12 37.02 46.25
C ASN D 106 -11.12 38.53 46.02
N LEU D 107 -12.17 39.19 46.49
CA LEU D 107 -12.30 40.65 46.35
C LEU D 107 -11.87 41.38 47.63
#